data_7X1X
#
_entry.id   7X1X
#
_cell.length_a   54.070
_cell.length_b   92.070
_cell.length_c   163.230
_cell.angle_alpha   90.000
_cell.angle_beta   90.000
_cell.angle_gamma   90.000
#
_symmetry.space_group_name_H-M   'P 21 21 21'
#
loop_
_entity.id
_entity.type
_entity.pdbx_description
1 polymer '4,5-dihydroxyphthalate dehydrogenase'
2 non-polymer GLYCEROL
3 non-polymer NICOTINAMIDE-ADENINE-DINUCLEOTIDE
4 water water
#
_entity_poly.entity_id   1
_entity_poly.type   'polypeptide(L)'
_entity_poly.pdbx_seq_one_letter_code
;MNAGHQLRLGVAGLGRAFTLMLPTLQQDPRIKLVAACDPRGSARAQFASDFRAPVYPDIEGLASNPDVEAIYIASPHQFH
AQQARIAARHGKHVLVEKPMALSLGDCDEMIQHCRDAGVHLIVGHCHSFDTPYLSAREIVQSGELGPVRMVHALNYTDFL
YRPRRPEELRTEEGGGVVFSQAAHQVDIVRLLVGTRVRRVRAITGDWDPMRPTQGAYSALLWFEGGAFASISYNGYGHFD
SDEWCDWIGEMGGDKSPEAYGAARRKLATVGSAQEEANLKAAATYGGPGYVAAATDAQPIWHQHFGPIVVSCERGDIRPL
PDSVCVYADLAKERRSLQRPVVPRFEVIDELYHAVVNEIKPLHDGVWARATLEVCLALLDSAGSGKDVELPR
;
_entity_poly.pdbx_strand_id   A,B
#
loop_
_chem_comp.id
_chem_comp.type
_chem_comp.name
_chem_comp.formula
GOL non-polymer GLYCEROL 'C3 H8 O3'
NAD non-polymer NICOTINAMIDE-ADENINE-DINUCLEOTIDE 'C21 H27 N7 O14 P2'
#
# COMPACT_ATOMS: atom_id res chain seq x y z
N GLY A 4 -31.84 -9.59 30.81
CA GLY A 4 -31.68 -9.08 32.19
C GLY A 4 -30.47 -8.14 32.25
N HIS A 5 -29.93 -7.95 33.47
CA HIS A 5 -28.58 -7.49 33.78
C HIS A 5 -27.60 -8.23 32.87
N GLN A 6 -27.89 -9.53 32.73
CA GLN A 6 -27.17 -10.49 31.92
C GLN A 6 -28.07 -10.97 30.80
N LEU A 7 -27.45 -11.53 29.77
CA LEU A 7 -28.12 -11.52 28.50
C LEU A 7 -28.10 -12.94 27.98
N ARG A 8 -29.29 -13.50 27.83
CA ARG A 8 -29.43 -14.92 27.57
C ARG A 8 -29.28 -15.11 26.07
N LEU A 9 -28.15 -15.69 25.67
CA LEU A 9 -27.79 -15.71 24.26
C LEU A 9 -27.72 -17.14 23.75
N GLY A 10 -28.34 -17.35 22.58
CA GLY A 10 -28.37 -18.61 21.88
C GLY A 10 -27.54 -18.57 20.59
N VAL A 11 -26.78 -19.65 20.33
CA VAL A 11 -25.79 -19.68 19.26
C VAL A 11 -26.25 -20.60 18.15
N ALA A 12 -26.32 -20.12 16.92
CA ALA A 12 -26.70 -20.96 15.79
C ALA A 12 -25.52 -21.20 14.87
N GLY A 13 -24.90 -22.37 14.98
CA GLY A 13 -23.76 -22.74 14.16
C GLY A 13 -22.49 -22.79 15.01
N LEU A 14 -22.00 -24.02 15.23
CA LEU A 14 -21.02 -24.18 16.28
C LEU A 14 -19.62 -24.51 15.71
N GLY A 15 -19.18 -23.83 14.64
CA GLY A 15 -17.85 -24.04 14.09
C GLY A 15 -16.80 -22.96 14.42
N ARG A 16 -16.10 -22.49 13.37
CA ARG A 16 -14.93 -21.64 13.48
C ARG A 16 -15.30 -20.27 14.02
N ALA A 17 -16.32 -19.67 13.43
CA ALA A 17 -16.68 -18.31 13.83
C ALA A 17 -17.01 -18.38 15.32
N PHE A 18 -17.70 -19.46 15.69
CA PHE A 18 -18.14 -19.67 17.05
C PHE A 18 -16.93 -19.78 17.95
N THR A 19 -15.95 -20.61 17.57
CA THR A 19 -14.84 -20.84 18.48
C THR A 19 -13.97 -19.59 18.59
N LEU A 20 -13.94 -18.80 17.52
CA LEU A 20 -13.17 -17.57 17.57
C LEU A 20 -13.83 -16.59 18.53
N MET A 21 -15.16 -16.64 18.55
CA MET A 21 -15.96 -15.72 19.35
C MET A 21 -16.06 -16.21 20.79
N LEU A 22 -15.75 -17.50 21.02
CA LEU A 22 -16.11 -18.20 22.24
C LEU A 22 -15.48 -17.61 23.51
N PRO A 23 -14.19 -17.20 23.55
CA PRO A 23 -13.63 -16.75 24.84
C PRO A 23 -14.17 -15.36 25.23
N THR A 24 -14.70 -14.60 24.26
CA THR A 24 -15.42 -13.38 24.53
C THR A 24 -16.67 -13.71 25.32
N LEU A 25 -17.44 -14.65 24.80
CA LEU A 25 -18.74 -14.96 25.33
C LEU A 25 -18.60 -15.43 26.78
N GLN A 26 -17.61 -16.28 27.03
CA GLN A 26 -17.42 -16.68 28.41
C GLN A 26 -17.04 -15.47 29.25
N GLN A 27 -15.97 -14.80 28.83
CA GLN A 27 -15.34 -13.86 29.74
C GLN A 27 -16.25 -12.67 30.06
N ASP A 28 -17.12 -12.25 29.12
CA ASP A 28 -17.96 -11.06 29.27
C ASP A 28 -19.08 -11.32 30.25
N PRO A 29 -19.11 -10.59 31.39
CA PRO A 29 -20.12 -10.82 32.41
C PRO A 29 -21.54 -10.63 31.88
N ARG A 30 -21.70 -9.89 30.79
CA ARG A 30 -23.03 -9.50 30.37
C ARG A 30 -23.65 -10.59 29.49
N ILE A 31 -22.90 -11.66 29.23
CA ILE A 31 -23.40 -12.66 28.32
C ILE A 31 -23.40 -13.98 29.05
N LYS A 32 -24.57 -14.67 29.01
CA LYS A 32 -24.75 -16.08 29.33
C LYS A 32 -25.14 -16.85 28.07
N LEU A 33 -24.42 -17.95 27.81
CA LEU A 33 -24.78 -18.90 26.77
C LEU A 33 -25.81 -19.85 27.34
N VAL A 34 -26.96 -19.99 26.67
CA VAL A 34 -28.09 -20.67 27.30
C VAL A 34 -28.58 -21.82 26.42
N ALA A 35 -28.28 -21.76 25.12
CA ALA A 35 -28.80 -22.67 24.11
C ALA A 35 -27.92 -22.63 22.86
N ALA A 36 -27.99 -23.67 22.03
CA ALA A 36 -27.29 -23.70 20.75
C ALA A 36 -28.06 -24.56 19.75
N CYS A 37 -27.79 -24.33 18.46
CA CYS A 37 -28.17 -25.31 17.45
C CYS A 37 -27.07 -25.48 16.40
N ASP A 38 -27.07 -26.69 15.83
CA ASP A 38 -26.14 -27.18 14.82
C ASP A 38 -26.78 -28.42 14.20
N PRO A 39 -26.55 -28.71 12.89
CA PRO A 39 -27.01 -29.97 12.30
C PRO A 39 -26.22 -31.18 12.79
N ARG A 40 -24.92 -31.00 13.03
CA ARG A 40 -23.99 -32.04 13.44
C ARG A 40 -24.21 -32.31 14.93
N GLY A 41 -24.56 -33.55 15.28
CA GLY A 41 -24.82 -33.88 16.66
C GLY A 41 -23.58 -33.96 17.52
N SER A 42 -22.39 -34.13 16.93
CA SER A 42 -21.21 -34.25 17.79
C SER A 42 -20.87 -32.87 18.32
N ALA A 43 -21.33 -31.85 17.59
CA ALA A 43 -21.22 -30.46 17.98
C ALA A 43 -22.22 -30.18 19.10
N ARG A 44 -23.47 -30.59 18.86
CA ARG A 44 -24.54 -30.58 19.85
C ARG A 44 -24.15 -31.31 21.13
N ALA A 45 -23.68 -32.56 21.01
CA ALA A 45 -23.08 -33.26 22.13
C ALA A 45 -22.04 -32.36 22.80
N GLN A 46 -21.19 -31.75 21.99
CA GLN A 46 -20.12 -30.99 22.57
C GLN A 46 -20.69 -29.87 23.43
N PHE A 47 -21.57 -29.05 22.84
CA PHE A 47 -22.02 -27.80 23.42
C PHE A 47 -22.81 -28.08 24.69
N ALA A 48 -23.75 -29.01 24.58
CA ALA A 48 -24.58 -29.41 25.69
C ALA A 48 -23.74 -29.80 26.91
N SER A 49 -22.58 -30.41 26.68
CA SER A 49 -21.77 -30.92 27.77
C SER A 49 -21.06 -29.78 28.51
N ASP A 50 -20.42 -28.88 27.75
CA ASP A 50 -19.55 -27.88 28.34
C ASP A 50 -20.39 -26.83 29.06
N PHE A 51 -21.63 -26.70 28.61
CA PHE A 51 -22.46 -25.57 28.97
C PHE A 51 -23.73 -26.03 29.66
N ARG A 52 -23.84 -27.35 29.90
CA ARG A 52 -25.04 -27.96 30.42
C ARG A 52 -26.24 -27.17 29.89
N ALA A 53 -26.61 -27.28 28.61
CA ALA A 53 -27.63 -26.39 28.04
C ALA A 53 -28.42 -27.06 26.91
N PRO A 54 -29.71 -26.71 26.61
CA PRO A 54 -30.46 -27.37 25.53
C PRO A 54 -29.86 -27.14 24.13
N VAL A 55 -29.78 -28.18 23.29
CA VAL A 55 -29.25 -28.01 21.94
C VAL A 55 -30.30 -28.51 20.96
N TYR A 56 -30.16 -28.18 19.67
CA TYR A 56 -31.21 -28.49 18.70
C TYR A 56 -30.63 -28.75 17.29
N PRO A 57 -31.31 -29.59 16.46
CA PRO A 57 -31.07 -29.63 15.02
C PRO A 57 -31.14 -28.26 14.35
N ASP A 58 -32.33 -27.67 14.19
CA ASP A 58 -32.44 -26.43 13.43
C ASP A 58 -32.52 -25.21 14.34
N ILE A 59 -32.44 -24.03 13.71
CA ILE A 59 -32.70 -22.73 14.34
C ILE A 59 -34.18 -22.65 14.73
N GLU A 60 -35.00 -23.51 14.12
CA GLU A 60 -36.39 -23.63 14.48
C GLU A 60 -36.50 -23.99 15.95
N GLY A 61 -35.61 -24.86 16.42
CA GLY A 61 -35.54 -25.27 17.80
C GLY A 61 -35.16 -24.12 18.73
N LEU A 62 -34.02 -23.50 18.44
CA LEU A 62 -33.38 -22.47 19.27
C LEU A 62 -34.30 -21.28 19.39
N ALA A 63 -34.98 -20.90 18.30
CA ALA A 63 -35.86 -19.75 18.25
C ALA A 63 -37.17 -20.03 19.01
N SER A 64 -37.49 -21.32 19.20
CA SER A 64 -38.73 -21.61 19.89
C SER A 64 -38.50 -21.62 21.39
N ASN A 65 -37.23 -21.62 21.80
CA ASN A 65 -36.90 -21.62 23.21
C ASN A 65 -37.20 -20.23 23.79
N PRO A 66 -38.13 -20.13 24.76
CA PRO A 66 -38.57 -18.85 25.31
C PRO A 66 -37.50 -18.10 26.12
N ASP A 67 -36.44 -18.84 26.50
CA ASP A 67 -35.44 -18.35 27.42
C ASP A 67 -34.34 -17.59 26.69
N VAL A 68 -34.38 -17.62 25.36
CA VAL A 68 -33.33 -17.03 24.56
C VAL A 68 -33.74 -15.62 24.18
N GLU A 69 -32.86 -14.65 24.50
CA GLU A 69 -33.06 -13.21 24.26
C GLU A 69 -32.55 -12.80 22.88
N ALA A 70 -31.36 -13.28 22.49
CA ALA A 70 -30.88 -13.04 21.14
C ALA A 70 -30.05 -14.24 20.65
N ILE A 71 -29.98 -14.39 19.32
CA ILE A 71 -29.21 -15.44 18.68
C ILE A 71 -28.03 -14.89 17.86
N TYR A 72 -26.82 -15.30 18.26
CA TYR A 72 -25.63 -15.11 17.45
C TYR A 72 -25.58 -16.16 16.35
N ILE A 73 -25.93 -15.74 15.13
CA ILE A 73 -25.95 -16.60 13.96
C ILE A 73 -24.53 -16.72 13.40
N ALA A 74 -23.90 -17.88 13.61
CA ALA A 74 -22.48 -18.13 13.26
C ALA A 74 -22.32 -19.39 12.39
N SER A 75 -23.19 -19.48 11.39
CA SER A 75 -23.25 -20.58 10.46
C SER A 75 -22.74 -20.08 9.12
N PRO A 76 -22.64 -20.97 8.09
CA PRO A 76 -22.34 -20.55 6.72
C PRO A 76 -23.31 -19.51 6.16
N HIS A 77 -22.78 -18.71 5.25
CA HIS A 77 -23.36 -17.51 4.67
C HIS A 77 -24.73 -17.76 4.04
N GLN A 78 -24.93 -18.93 3.43
CA GLN A 78 -26.14 -19.10 2.63
C GLN A 78 -27.34 -19.30 3.55
N PHE A 79 -27.10 -19.64 4.82
CA PHE A 79 -28.18 -19.88 5.76
C PHE A 79 -28.53 -18.60 6.52
N HIS A 80 -27.64 -17.60 6.46
CA HIS A 80 -27.74 -16.38 7.25
C HIS A 80 -29.14 -15.79 7.09
N ALA A 81 -29.55 -15.53 5.85
CA ALA A 81 -30.82 -14.85 5.64
C ALA A 81 -31.96 -15.61 6.29
N GLN A 82 -32.12 -16.86 5.89
CA GLN A 82 -33.25 -17.64 6.35
C GLN A 82 -33.28 -17.68 7.88
N GLN A 83 -32.15 -18.08 8.48
CA GLN A 83 -32.00 -18.17 9.92
C GLN A 83 -32.50 -16.91 10.62
N ALA A 84 -32.11 -15.74 10.13
CA ALA A 84 -32.53 -14.47 10.72
C ALA A 84 -34.05 -14.29 10.61
N ARG A 85 -34.62 -14.49 9.41
CA ARG A 85 -36.03 -14.34 9.14
C ARG A 85 -36.82 -15.03 10.26
N ILE A 86 -36.32 -16.20 10.67
CA ILE A 86 -36.93 -17.04 11.67
C ILE A 86 -36.70 -16.42 13.04
N ALA A 87 -35.44 -16.19 13.42
CA ALA A 87 -35.15 -15.70 14.76
C ALA A 87 -35.98 -14.45 15.01
N ALA A 88 -36.11 -13.62 13.96
CA ALA A 88 -37.00 -12.46 14.00
C ALA A 88 -38.45 -12.88 14.26
N ARG A 89 -38.99 -13.81 13.44
CA ARG A 89 -40.34 -14.33 13.56
C ARG A 89 -40.64 -14.63 15.03
N HIS A 90 -39.64 -15.11 15.77
CA HIS A 90 -39.85 -15.54 17.14
C HIS A 90 -39.46 -14.48 18.15
N GLY A 91 -39.13 -13.29 17.65
CA GLY A 91 -38.82 -12.15 18.48
C GLY A 91 -37.41 -12.18 19.09
N LYS A 92 -36.42 -12.74 18.39
CA LYS A 92 -35.08 -12.82 18.94
C LYS A 92 -34.18 -11.80 18.23
N HIS A 93 -33.30 -11.15 19.01
CA HIS A 93 -32.31 -10.28 18.40
C HIS A 93 -31.27 -11.16 17.72
N VAL A 94 -30.65 -10.60 16.69
CA VAL A 94 -29.77 -11.28 15.75
C VAL A 94 -28.44 -10.54 15.79
N LEU A 95 -27.37 -11.30 15.98
CA LEU A 95 -26.02 -10.86 15.66
C LEU A 95 -25.46 -11.88 14.66
N VAL A 96 -25.35 -11.48 13.38
CA VAL A 96 -24.92 -12.40 12.34
C VAL A 96 -23.48 -12.09 11.90
N GLU A 97 -22.69 -13.08 11.44
CA GLU A 97 -21.27 -12.94 11.15
C GLU A 97 -21.01 -12.46 9.72
N LYS A 98 -19.86 -11.82 9.49
CA LYS A 98 -19.52 -11.39 8.14
C LYS A 98 -19.34 -12.65 7.32
N PRO A 99 -19.82 -12.63 6.05
CA PRO A 99 -20.68 -11.56 5.57
C PRO A 99 -22.12 -11.82 6.01
N MET A 100 -22.81 -10.75 6.35
CA MET A 100 -24.25 -10.71 6.48
C MET A 100 -24.88 -11.75 5.57
N ALA A 101 -24.80 -11.50 4.28
CA ALA A 101 -25.44 -12.37 3.31
C ALA A 101 -24.62 -12.35 2.03
N LEU A 102 -25.11 -13.02 1.00
CA LEU A 102 -24.37 -13.24 -0.23
C LEU A 102 -24.84 -12.25 -1.28
N SER A 103 -26.08 -11.78 -1.11
CA SER A 103 -26.84 -11.05 -2.10
C SER A 103 -27.33 -9.76 -1.46
N LEU A 104 -27.82 -8.82 -2.28
CA LEU A 104 -28.39 -7.60 -1.71
C LEU A 104 -29.84 -7.81 -1.31
N GLY A 105 -30.59 -8.54 -2.15
CA GLY A 105 -31.95 -8.93 -1.84
C GLY A 105 -32.04 -9.52 -0.44
N ASP A 106 -31.31 -10.61 -0.24
CA ASP A 106 -31.10 -11.24 1.06
C ASP A 106 -30.99 -10.22 2.18
N CYS A 107 -30.14 -9.21 1.94
CA CYS A 107 -29.89 -8.18 2.93
C CYS A 107 -31.16 -7.38 3.19
N ASP A 108 -31.78 -6.90 2.11
CA ASP A 108 -33.00 -6.14 2.20
C ASP A 108 -33.99 -6.90 3.08
N GLU A 109 -34.24 -8.16 2.70
CA GLU A 109 -35.17 -8.97 3.47
C GLU A 109 -34.75 -9.04 4.93
N MET A 110 -33.50 -9.43 5.19
CA MET A 110 -33.00 -9.51 6.55
C MET A 110 -33.30 -8.25 7.35
N ILE A 111 -33.06 -7.07 6.76
CA ILE A 111 -33.29 -5.85 7.52
C ILE A 111 -34.79 -5.66 7.72
N GLN A 112 -35.60 -6.08 6.75
CA GLN A 112 -37.03 -5.87 6.85
C GLN A 112 -37.61 -6.86 7.86
N HIS A 113 -37.33 -8.15 7.67
CA HIS A 113 -37.78 -9.13 8.63
C HIS A 113 -37.46 -8.65 10.04
N CYS A 114 -36.35 -7.95 10.23
CA CYS A 114 -35.98 -7.57 11.58
C CYS A 114 -36.72 -6.31 12.04
N ARG A 115 -37.03 -5.42 11.09
CA ARG A 115 -37.69 -4.15 11.37
C ARG A 115 -39.15 -4.43 11.75
N ASP A 116 -39.75 -5.36 11.01
CA ASP A 116 -41.11 -5.81 11.29
C ASP A 116 -41.18 -6.38 12.70
N ALA A 117 -40.37 -7.40 13.00
CA ALA A 117 -40.46 -8.04 14.29
C ALA A 117 -39.99 -7.08 15.39
N GLY A 118 -39.53 -5.90 14.97
CA GLY A 118 -39.03 -4.86 15.86
C GLY A 118 -37.92 -5.37 16.78
N VAL A 119 -36.86 -5.95 16.18
CA VAL A 119 -35.72 -6.50 16.90
C VAL A 119 -34.45 -5.99 16.23
N HIS A 120 -33.38 -5.95 17.04
CA HIS A 120 -32.08 -5.45 16.64
C HIS A 120 -31.36 -6.46 15.74
N LEU A 121 -30.59 -5.93 14.79
CA LEU A 121 -29.83 -6.73 13.85
C LEU A 121 -28.44 -6.15 13.82
N ILE A 122 -27.46 -6.89 14.31
CA ILE A 122 -26.08 -6.40 14.29
C ILE A 122 -25.20 -7.39 13.51
N VAL A 123 -24.14 -6.89 12.82
CA VAL A 123 -23.26 -7.79 12.09
C VAL A 123 -21.95 -8.09 12.84
N GLY A 124 -21.78 -9.39 13.13
CA GLY A 124 -20.81 -10.07 14.00
C GLY A 124 -19.36 -9.64 13.81
N HIS A 125 -18.48 -10.14 14.70
CA HIS A 125 -17.18 -9.49 14.85
C HIS A 125 -16.69 -8.98 13.50
N CYS A 126 -16.83 -7.67 13.30
CA CYS A 126 -16.15 -7.07 12.19
C CYS A 126 -14.97 -6.36 12.83
N HIS A 127 -13.86 -6.25 12.09
CA HIS A 127 -12.65 -5.68 12.66
C HIS A 127 -12.81 -4.18 12.86
N SER A 128 -13.83 -3.59 12.20
CA SER A 128 -14.23 -2.22 12.46
C SER A 128 -14.74 -2.05 13.89
N PHE A 129 -14.83 -3.13 14.64
CA PHE A 129 -15.20 -3.02 16.03
C PHE A 129 -13.98 -2.73 16.88
N ASP A 130 -12.79 -3.02 16.36
CA ASP A 130 -11.63 -3.06 17.26
C ASP A 130 -11.31 -1.67 17.79
N THR A 131 -10.94 -1.62 19.06
CA THR A 131 -10.66 -0.41 19.80
C THR A 131 -9.79 0.56 18.99
N PRO A 132 -8.60 0.11 18.47
CA PRO A 132 -7.67 1.03 17.83
C PRO A 132 -8.36 1.79 16.71
N TYR A 133 -9.26 1.11 15.99
CA TYR A 133 -9.92 1.75 14.86
C TYR A 133 -10.97 2.74 15.35
N LEU A 134 -11.72 2.34 16.40
CA LEU A 134 -12.77 3.15 16.98
C LEU A 134 -12.09 4.38 17.59
N SER A 135 -10.96 4.13 18.23
CA SER A 135 -10.18 5.20 18.79
C SER A 135 -9.71 6.14 17.67
N ALA A 136 -9.33 5.59 16.52
CA ALA A 136 -8.88 6.42 15.39
C ALA A 136 -10.04 7.26 14.87
N ARG A 137 -11.23 6.67 14.82
CA ARG A 137 -12.33 7.40 14.26
C ARG A 137 -12.68 8.57 15.17
N GLU A 138 -12.46 8.39 16.46
CA GLU A 138 -12.66 9.41 17.47
C GLU A 138 -11.82 10.60 17.07
N ILE A 139 -10.53 10.34 16.79
CA ILE A 139 -9.61 11.39 16.44
C ILE A 139 -10.10 12.09 15.19
N VAL A 140 -10.58 11.32 14.21
CA VAL A 140 -11.10 11.96 13.01
C VAL A 140 -12.35 12.77 13.34
N GLN A 141 -13.21 12.21 14.22
CA GLN A 141 -14.43 12.86 14.65
C GLN A 141 -14.07 14.20 15.27
N SER A 142 -13.04 14.21 16.12
CA SER A 142 -12.75 15.40 16.88
C SER A 142 -12.44 16.56 15.95
N GLY A 143 -12.01 16.30 14.70
CA GLY A 143 -11.74 17.39 13.78
C GLY A 143 -10.37 18.03 14.04
N GLU A 144 -9.67 17.41 15.00
CA GLU A 144 -8.36 17.87 15.42
C GLU A 144 -7.41 17.94 14.22
N LEU A 145 -7.51 16.95 13.32
CA LEU A 145 -6.55 16.90 12.23
C LEU A 145 -7.18 17.37 10.91
N GLY A 146 -8.40 17.92 11.01
CA GLY A 146 -9.15 18.27 9.82
C GLY A 146 -9.66 16.98 9.18
N PRO A 147 -10.26 17.01 7.98
CA PRO A 147 -10.86 15.82 7.37
C PRO A 147 -9.88 14.84 6.71
N VAL A 148 -10.35 13.60 6.55
CA VAL A 148 -9.58 12.52 5.96
C VAL A 148 -9.48 12.76 4.46
N ARG A 149 -8.27 12.57 3.92
CA ARG A 149 -7.99 12.87 2.52
C ARG A 149 -7.63 11.61 1.75
N MET A 150 -6.82 10.77 2.37
CA MET A 150 -6.36 9.55 1.74
C MET A 150 -6.19 8.45 2.79
N VAL A 151 -6.72 7.26 2.49
CA VAL A 151 -6.47 6.10 3.33
C VAL A 151 -5.69 5.08 2.51
N HIS A 152 -4.66 4.52 3.15
CA HIS A 152 -3.86 3.46 2.54
C HIS A 152 -3.78 2.28 3.51
N ALA A 153 -4.27 1.10 3.07
CA ALA A 153 -4.39 -0.07 3.93
C ALA A 153 -3.92 -1.31 3.17
N LEU A 154 -3.05 -2.09 3.82
CA LEU A 154 -2.64 -3.35 3.24
C LEU A 154 -2.74 -4.46 4.29
N ASN A 155 -2.75 -5.70 3.79
CA ASN A 155 -2.71 -6.87 4.64
C ASN A 155 -2.17 -8.03 3.82
N TYR A 156 -1.15 -8.68 4.37
CA TYR A 156 -0.50 -9.83 3.77
C TYR A 156 -0.55 -10.95 4.77
N THR A 157 -1.29 -12.03 4.46
CA THR A 157 -1.61 -13.06 5.45
C THR A 157 -1.44 -14.47 4.88
N ASP A 158 -1.53 -15.46 5.77
CA ASP A 158 -1.48 -16.86 5.36
C ASP A 158 -2.90 -17.43 5.18
N PHE A 159 -3.91 -16.58 5.15
CA PHE A 159 -5.30 -17.00 5.11
C PHE A 159 -5.61 -18.10 4.10
N LEU A 160 -5.14 -17.94 2.87
CA LEU A 160 -5.42 -18.88 1.79
C LEU A 160 -4.89 -20.30 2.11
N TYR A 161 -4.00 -20.45 3.09
CA TYR A 161 -3.49 -21.76 3.44
C TYR A 161 -3.71 -22.01 4.95
N ARG A 162 -4.74 -21.40 5.55
CA ARG A 162 -5.01 -21.64 6.96
C ARG A 162 -5.81 -22.93 7.12
N PRO A 163 -5.33 -23.98 7.86
CA PRO A 163 -5.97 -25.31 7.92
C PRO A 163 -7.48 -25.55 8.17
N GLY A 174 -17.60 -18.04 -4.61
CA GLY A 174 -16.76 -17.87 -5.82
C GLY A 174 -15.42 -17.19 -5.53
N GLY A 175 -15.44 -16.09 -4.75
CA GLY A 175 -14.27 -15.27 -4.40
C GLY A 175 -14.12 -15.14 -2.88
N GLY A 176 -13.20 -15.93 -2.29
CA GLY A 176 -13.25 -16.22 -0.85
C GLY A 176 -12.75 -15.04 -0.01
N VAL A 177 -11.61 -14.48 -0.48
CA VAL A 177 -10.94 -13.39 0.22
C VAL A 177 -11.73 -12.10 0.08
N VAL A 178 -12.44 -11.94 -1.04
CA VAL A 178 -13.21 -10.73 -1.26
C VAL A 178 -14.34 -10.59 -0.24
N PHE A 179 -14.98 -11.71 0.08
CA PHE A 179 -16.19 -11.60 0.85
C PHE A 179 -15.89 -11.66 2.34
N SER A 180 -14.86 -12.42 2.66
CA SER A 180 -14.50 -12.58 4.05
C SER A 180 -13.54 -11.46 4.43
N GLN A 181 -12.56 -11.17 3.57
CA GLN A 181 -11.39 -10.42 4.00
C GLN A 181 -11.48 -8.97 3.52
N ALA A 182 -12.04 -8.76 2.32
CA ALA A 182 -12.19 -7.41 1.81
C ALA A 182 -13.25 -6.71 2.64
N ALA A 183 -14.22 -7.47 3.13
CA ALA A 183 -15.20 -6.96 4.07
C ALA A 183 -14.51 -6.27 5.27
N HIS A 184 -13.66 -6.98 6.02
CA HIS A 184 -13.07 -6.30 7.16
C HIS A 184 -12.43 -4.99 6.73
N GLN A 185 -11.74 -5.05 5.59
CA GLN A 185 -10.92 -3.95 5.12
C GLN A 185 -11.81 -2.79 4.72
N VAL A 186 -12.86 -3.08 3.97
CA VAL A 186 -13.75 -2.03 3.51
C VAL A 186 -14.46 -1.37 4.71
N ASP A 187 -14.85 -2.22 5.65
CA ASP A 187 -15.57 -1.76 6.83
C ASP A 187 -14.69 -0.79 7.64
N ILE A 188 -13.39 -1.06 7.70
CA ILE A 188 -12.54 -0.15 8.47
C ILE A 188 -12.44 1.17 7.72
N VAL A 189 -12.32 1.08 6.42
CA VAL A 189 -12.14 2.32 5.68
C VAL A 189 -13.47 3.07 5.64
N ARG A 190 -14.59 2.37 5.47
CA ARG A 190 -15.86 3.06 5.61
C ARG A 190 -15.88 3.74 6.97
N LEU A 191 -15.49 2.99 8.01
CA LEU A 191 -15.55 3.51 9.37
C LEU A 191 -14.81 4.84 9.45
N LEU A 192 -13.59 4.88 8.91
CA LEU A 192 -12.67 5.96 9.24
C LEU A 192 -12.88 7.20 8.37
N VAL A 193 -13.02 7.01 7.04
CA VAL A 193 -13.36 8.12 6.18
C VAL A 193 -14.68 8.70 6.69
N GLY A 194 -15.68 7.85 6.83
CA GLY A 194 -16.92 8.35 7.38
C GLY A 194 -17.85 8.94 6.32
N THR A 195 -17.56 8.88 5.02
CA THR A 195 -18.54 9.37 4.06
C THR A 195 -18.95 8.23 3.13
N ARG A 196 -19.68 8.49 2.03
CA ARG A 196 -20.10 7.38 1.20
C ARG A 196 -19.06 7.01 0.13
N VAL A 197 -18.91 5.70 -0.14
CA VAL A 197 -18.16 5.17 -1.27
C VAL A 197 -18.94 5.43 -2.56
N ARG A 198 -18.25 5.92 -3.60
CA ARG A 198 -18.95 6.42 -4.77
C ARG A 198 -18.51 5.70 -6.04
N ARG A 199 -17.27 5.17 -6.05
CA ARG A 199 -16.69 4.51 -7.20
C ARG A 199 -15.62 3.54 -6.70
N VAL A 200 -15.44 2.45 -7.44
CA VAL A 200 -14.49 1.42 -7.06
C VAL A 200 -13.80 0.91 -8.32
N ARG A 201 -12.50 0.62 -8.22
CA ARG A 201 -11.78 -0.02 -9.30
C ARG A 201 -10.79 -0.99 -8.68
N ALA A 202 -10.84 -2.23 -9.16
CA ALA A 202 -10.16 -3.32 -8.49
C ALA A 202 -9.58 -4.28 -9.51
N ILE A 203 -8.53 -4.99 -9.06
CA ILE A 203 -7.84 -6.06 -9.75
C ILE A 203 -7.69 -7.17 -8.72
N THR A 204 -8.12 -8.38 -9.09
CA THR A 204 -7.84 -9.54 -8.28
C THR A 204 -6.73 -10.38 -8.92
N GLY A 205 -5.95 -11.07 -8.09
CA GLY A 205 -5.00 -12.02 -8.64
C GLY A 205 -5.48 -13.42 -8.35
N ASP A 206 -5.26 -14.36 -9.27
CA ASP A 206 -5.49 -15.77 -8.95
C ASP A 206 -4.38 -16.60 -9.57
N TRP A 207 -3.41 -17.06 -8.78
CA TRP A 207 -2.21 -17.56 -9.42
C TRP A 207 -1.70 -18.87 -8.83
N ASP A 208 -2.45 -19.44 -7.88
CA ASP A 208 -2.15 -20.80 -7.47
C ASP A 208 -3.22 -21.75 -8.02
N PRO A 209 -2.91 -22.53 -9.09
CA PRO A 209 -3.78 -23.60 -9.60
C PRO A 209 -4.43 -24.47 -8.52
N MET A 210 -3.58 -24.90 -7.57
CA MET A 210 -3.91 -25.67 -6.40
C MET A 210 -5.18 -25.13 -5.72
N ARG A 211 -5.12 -23.85 -5.29
CA ARG A 211 -6.17 -23.16 -4.56
C ARG A 211 -6.78 -22.10 -5.47
N PRO A 212 -7.59 -22.49 -6.49
CA PRO A 212 -7.94 -21.58 -7.57
C PRO A 212 -9.07 -20.68 -7.11
N THR A 213 -8.72 -19.74 -6.25
CA THR A 213 -9.59 -18.62 -5.89
C THR A 213 -8.85 -17.30 -6.11
N GLN A 214 -9.60 -16.19 -6.08
CA GLN A 214 -8.97 -14.87 -6.06
C GLN A 214 -8.29 -14.70 -4.71
N GLY A 215 -6.95 -14.69 -4.71
CA GLY A 215 -6.20 -14.74 -3.47
C GLY A 215 -5.60 -13.37 -3.08
N ALA A 216 -5.66 -12.41 -3.99
CA ALA A 216 -5.14 -11.10 -3.69
C ALA A 216 -5.87 -10.10 -4.56
N TYR A 217 -5.84 -8.84 -4.12
CA TYR A 217 -6.40 -7.74 -4.87
C TYR A 217 -5.71 -6.46 -4.47
N SER A 218 -5.89 -5.45 -5.33
CA SER A 218 -5.65 -4.06 -5.03
C SER A 218 -6.84 -3.27 -5.56
N ALA A 219 -7.25 -2.25 -4.80
CA ALA A 219 -8.39 -1.43 -5.18
C ALA A 219 -8.18 0.05 -4.87
N LEU A 220 -8.85 0.88 -5.69
CA LEU A 220 -9.02 2.31 -5.50
C LEU A 220 -10.48 2.58 -5.12
N LEU A 221 -10.73 3.37 -4.05
CA LEU A 221 -12.08 3.76 -3.67
C LEU A 221 -12.19 5.28 -3.67
N TRP A 222 -13.24 5.76 -4.33
CA TRP A 222 -13.53 7.18 -4.31
C TRP A 222 -14.57 7.43 -3.24
N PHE A 223 -14.36 8.46 -2.40
CA PHE A 223 -15.36 8.77 -1.39
C PHE A 223 -16.00 10.13 -1.61
N GLU A 224 -17.24 10.23 -1.11
CA GLU A 224 -17.99 11.48 -1.06
C GLU A 224 -17.14 12.55 -0.40
N GLY A 225 -17.07 13.69 -1.10
CA GLY A 225 -16.38 14.89 -0.69
C GLY A 225 -14.86 14.77 -0.77
N GLY A 226 -14.34 14.01 -1.75
CA GLY A 226 -12.96 14.14 -2.16
C GLY A 226 -11.99 13.03 -1.74
N ALA A 227 -12.09 12.51 -0.50
CA ALA A 227 -11.09 11.54 -0.02
C ALA A 227 -11.06 10.31 -0.92
N PHE A 228 -9.92 9.61 -0.94
CA PHE A 228 -9.80 8.39 -1.70
C PHE A 228 -8.98 7.43 -0.85
N ALA A 229 -9.02 6.15 -1.25
CA ALA A 229 -8.37 5.09 -0.49
C ALA A 229 -7.82 4.05 -1.43
N SER A 230 -6.70 3.45 -1.01
CA SER A 230 -6.13 2.29 -1.66
C SER A 230 -6.11 1.10 -0.68
N ILE A 231 -6.70 -0.02 -1.11
CA ILE A 231 -6.69 -1.25 -0.34
C ILE A 231 -6.03 -2.37 -1.14
N SER A 232 -5.12 -3.09 -0.48
CA SER A 232 -4.41 -4.20 -1.07
C SER A 232 -4.44 -5.37 -0.09
N TYR A 233 -4.81 -6.55 -0.61
CA TYR A 233 -4.84 -7.77 0.18
C TYR A 233 -4.06 -8.84 -0.57
N ASN A 234 -3.27 -9.62 0.18
CA ASN A 234 -2.61 -10.77 -0.38
C ASN A 234 -2.68 -11.87 0.66
N GLY A 235 -3.17 -13.04 0.24
CA GLY A 235 -3.48 -14.11 1.17
C GLY A 235 -2.60 -15.36 1.01
N TYR A 236 -1.66 -15.34 0.05
CA TYR A 236 -0.88 -16.48 -0.38
C TYR A 236 0.22 -16.84 0.63
N GLY A 237 0.16 -16.18 1.79
CA GLY A 237 0.89 -16.59 2.98
C GLY A 237 2.41 -16.61 2.86
N HIS A 238 3.00 -15.65 2.12
CA HIS A 238 4.46 -15.54 2.05
C HIS A 238 5.00 -14.49 3.03
N PHE A 239 4.94 -13.22 2.62
CA PHE A 239 5.22 -12.14 3.53
C PHE A 239 4.08 -12.02 4.55
N ASP A 240 4.46 -11.65 5.77
CA ASP A 240 3.52 -11.46 6.87
C ASP A 240 3.51 -10.00 7.35
N SER A 241 2.43 -9.29 7.06
CA SER A 241 2.34 -7.85 7.27
C SER A 241 2.27 -7.48 8.74
N ASP A 242 2.18 -8.48 9.64
CA ASP A 242 2.12 -8.22 11.07
C ASP A 242 3.45 -7.69 11.58
N GLU A 243 4.47 -7.77 10.73
CA GLU A 243 5.78 -7.24 11.04
C GLU A 243 5.66 -5.74 11.30
N TRP A 244 4.72 -5.11 10.59
CA TRP A 244 4.56 -3.68 10.68
C TRP A 244 3.43 -3.28 11.62
N CYS A 245 3.01 -4.22 12.49
CA CYS A 245 1.99 -3.96 13.48
C CYS A 245 2.52 -4.30 14.87
N ASP A 246 3.81 -4.03 15.07
CA ASP A 246 4.47 -4.27 16.35
C ASP A 246 4.53 -5.76 16.64
N TRP A 247 4.56 -6.58 15.58
CA TRP A 247 4.63 -8.03 15.68
C TRP A 247 3.52 -8.55 16.59
N ILE A 248 2.30 -8.04 16.42
CA ILE A 248 1.14 -8.57 17.12
C ILE A 248 0.18 -9.14 16.09
N GLY A 249 -0.21 -10.42 16.29
CA GLY A 249 -1.18 -11.15 15.47
C GLY A 249 -2.55 -10.48 15.41
N GLU A 250 -3.38 -10.93 14.45
CA GLU A 250 -4.68 -10.36 14.14
C GLU A 250 -5.61 -10.44 15.36
N MET A 251 -5.48 -11.50 16.17
CA MET A 251 -6.30 -11.74 17.34
C MET A 251 -5.50 -11.35 18.59
N GLY A 252 -4.52 -10.45 18.43
CA GLY A 252 -3.94 -9.76 19.57
C GLY A 252 -2.73 -10.43 20.18
N GLY A 253 -2.41 -11.64 19.73
CA GLY A 253 -1.26 -12.36 20.28
C GLY A 253 0.07 -11.85 19.74
N ASP A 254 1.13 -11.96 20.55
CA ASP A 254 2.44 -11.47 20.13
C ASP A 254 3.20 -12.48 19.27
N LYS A 255 3.54 -12.12 18.02
CA LYS A 255 4.38 -12.94 17.17
C LYS A 255 5.82 -12.83 17.66
N SER A 256 6.52 -11.72 17.39
CA SER A 256 7.80 -11.42 18.05
C SER A 256 8.82 -12.56 17.96
N PRO A 257 9.94 -12.59 18.75
CA PRO A 257 10.80 -13.78 18.87
C PRO A 257 10.56 -14.55 20.18
N GLN A 298 0.33 -14.08 29.33
CA GLN A 298 0.46 -12.68 28.85
C GLN A 298 -0.88 -12.27 28.21
N PRO A 299 -1.68 -11.40 28.89
CA PRO A 299 -2.92 -10.85 28.32
C PRO A 299 -2.69 -10.27 26.93
N ILE A 300 -3.55 -10.68 26.00
CA ILE A 300 -3.43 -10.31 24.60
C ILE A 300 -3.43 -8.78 24.42
N TRP A 301 -3.41 -8.35 23.16
CA TRP A 301 -3.55 -6.96 22.75
C TRP A 301 -4.81 -6.81 21.90
N HIS A 302 -5.02 -5.66 21.27
CA HIS A 302 -6.25 -5.47 20.51
C HIS A 302 -6.19 -6.26 19.20
N GLN A 303 -7.34 -6.42 18.55
CA GLN A 303 -7.38 -7.02 17.23
C GLN A 303 -7.08 -5.97 16.16
N HIS A 304 -6.57 -6.42 15.00
CA HIS A 304 -6.35 -5.55 13.85
C HIS A 304 -6.50 -6.29 12.54
N PHE A 305 -6.33 -5.55 11.44
CA PHE A 305 -6.36 -6.12 10.11
C PHE A 305 -5.23 -5.53 9.26
N GLY A 306 -4.05 -5.46 9.90
CA GLY A 306 -2.85 -5.11 9.19
C GLY A 306 -2.60 -3.60 9.22
N PRO A 307 -1.55 -3.13 8.49
CA PRO A 307 -1.18 -1.71 8.42
C PRO A 307 -2.18 -0.79 7.70
N ILE A 308 -2.69 0.17 8.48
CA ILE A 308 -3.51 1.25 7.96
C ILE A 308 -2.83 2.57 8.31
N VAL A 309 -2.87 3.49 7.32
CA VAL A 309 -2.43 4.87 7.46
C VAL A 309 -3.57 5.76 7.00
N VAL A 310 -3.99 6.64 7.90
CA VAL A 310 -5.01 7.63 7.60
C VAL A 310 -4.33 8.99 7.52
N SER A 311 -4.50 9.61 6.35
CA SER A 311 -4.00 10.96 6.12
C SER A 311 -5.15 11.97 6.18
N CYS A 312 -5.06 12.87 7.17
CA CYS A 312 -5.91 14.06 7.25
C CYS A 312 -5.12 15.33 6.92
N GLU A 313 -5.82 16.44 6.66
CA GLU A 313 -5.20 17.67 6.20
C GLU A 313 -3.99 18.04 7.07
N ARG A 314 -4.14 17.93 8.39
CA ARG A 314 -3.05 18.38 9.23
C ARG A 314 -2.28 17.21 9.82
N GLY A 315 -2.46 15.99 9.32
CA GLY A 315 -1.69 14.91 9.90
C GLY A 315 -2.16 13.48 9.57
N ASP A 316 -1.33 12.52 9.97
CA ASP A 316 -1.51 11.10 9.67
C ASP A 316 -1.77 10.33 10.96
N ILE A 317 -2.80 9.47 10.94
CA ILE A 317 -3.16 8.58 12.04
C ILE A 317 -2.81 7.17 11.62
N ARG A 318 -2.12 6.46 12.52
CA ARG A 318 -1.78 5.07 12.24
C ARG A 318 -2.17 4.17 13.43
N PRO A 319 -3.37 3.53 13.39
CA PRO A 319 -3.83 2.66 14.50
C PRO A 319 -3.00 1.41 14.68
N LEU A 320 -2.68 1.07 15.91
CA LEU A 320 -1.96 -0.16 16.16
C LEU A 320 -2.72 -1.00 17.19
N PRO A 321 -2.40 -2.30 17.34
CA PRO A 321 -3.03 -3.13 18.37
C PRO A 321 -2.68 -2.70 19.78
N ASP A 322 -1.62 -1.91 19.94
CA ASP A 322 -1.16 -1.54 21.28
C ASP A 322 -1.16 -0.01 21.45
N SER A 323 -1.51 0.73 20.40
CA SER A 323 -1.54 2.18 20.50
C SER A 323 -2.12 2.78 19.24
N VAL A 324 -2.22 4.10 19.23
CA VAL A 324 -2.51 4.83 18.02
C VAL A 324 -1.46 5.91 17.87
N CYS A 325 -0.74 5.84 16.76
CA CYS A 325 0.28 6.83 16.47
C CYS A 325 -0.34 7.97 15.68
N VAL A 326 -0.05 9.20 16.15
CA VAL A 326 -0.42 10.41 15.44
C VAL A 326 0.84 11.14 15.03
N TYR A 327 0.99 11.31 13.72
CA TYR A 327 2.07 12.07 13.12
C TYR A 327 1.48 13.42 12.71
N ALA A 328 1.99 14.47 13.34
CA ALA A 328 1.65 15.80 12.88
C ALA A 328 2.71 16.76 13.34
N ASP A 329 2.28 18.02 13.45
CA ASP A 329 3.11 19.19 13.69
C ASP A 329 3.72 19.20 15.09
N LEU A 330 5.06 19.08 15.07
CA LEU A 330 6.03 18.80 16.13
C LEU A 330 6.59 17.37 15.92
N ALA A 331 5.88 16.34 16.43
CA ALA A 331 6.43 14.99 16.44
C ALA A 331 5.38 13.86 16.29
N LYS A 332 5.93 12.64 16.21
CA LYS A 332 5.29 11.38 16.57
C LYS A 332 4.50 11.63 17.85
N GLU A 333 3.29 11.09 17.88
CA GLU A 333 2.64 10.86 19.14
C GLU A 333 2.16 9.42 19.13
N ARG A 334 2.59 8.70 20.16
CA ARG A 334 2.00 7.42 20.49
C ARG A 334 1.04 7.63 21.67
N ARG A 335 -0.27 7.66 21.41
CA ARG A 335 -1.25 7.65 22.49
C ARG A 335 -1.62 6.20 22.78
N SER A 336 -1.20 5.65 23.92
CA SER A 336 -1.35 4.21 24.07
C SER A 336 -2.78 3.83 24.45
N LEU A 337 -3.09 2.53 24.39
CA LEU A 337 -4.41 1.97 24.66
C LEU A 337 -4.29 0.99 25.82
N GLN A 338 -5.41 0.74 26.54
CA GLN A 338 -5.39 -0.32 27.54
C GLN A 338 -5.50 -1.71 26.89
N ARG A 339 -4.68 -2.65 27.39
CA ARG A 339 -4.84 -4.08 27.13
C ARG A 339 -6.30 -4.46 27.34
N PRO A 340 -7.03 -4.91 26.28
CA PRO A 340 -8.44 -5.29 26.40
C PRO A 340 -8.58 -6.33 27.48
N VAL A 341 -9.50 -6.07 28.42
CA VAL A 341 -9.75 -6.99 29.52
C VAL A 341 -10.45 -8.23 28.96
N VAL A 342 -11.45 -8.00 28.08
CA VAL A 342 -12.19 -9.05 27.37
C VAL A 342 -11.94 -8.91 25.87
N PRO A 343 -11.39 -9.92 25.15
CA PRO A 343 -11.22 -9.81 23.69
C PRO A 343 -12.54 -9.51 23.00
N ARG A 344 -12.54 -8.59 22.02
CA ARG A 344 -13.73 -8.30 21.20
C ARG A 344 -14.97 -7.89 21.98
N PHE A 345 -14.78 -7.32 23.18
CA PHE A 345 -15.80 -6.75 24.06
C PHE A 345 -16.60 -5.65 23.39
N GLU A 346 -16.08 -5.07 22.31
CA GLU A 346 -16.69 -3.92 21.66
C GLU A 346 -17.91 -4.41 20.86
N VAL A 347 -17.87 -5.70 20.52
CA VAL A 347 -18.98 -6.34 19.85
C VAL A 347 -20.13 -6.48 20.85
N ILE A 348 -19.79 -6.90 22.07
CA ILE A 348 -20.80 -7.13 23.08
C ILE A 348 -21.49 -5.82 23.44
N ASP A 349 -20.69 -4.76 23.67
CA ASP A 349 -21.21 -3.45 24.01
C ASP A 349 -22.27 -3.06 22.99
N GLU A 350 -21.95 -3.29 21.72
CA GLU A 350 -22.90 -2.89 20.71
C GLU A 350 -24.22 -3.63 20.94
N LEU A 351 -24.11 -4.95 21.12
CA LEU A 351 -25.27 -5.80 21.30
C LEU A 351 -25.96 -5.46 22.61
N TYR A 352 -25.19 -5.46 23.70
CA TYR A 352 -25.74 -5.22 25.01
C TYR A 352 -26.53 -3.93 25.07
N HIS A 353 -25.97 -2.84 24.53
CA HIS A 353 -26.60 -1.53 24.57
C HIS A 353 -27.74 -1.43 23.56
N ALA A 354 -27.79 -2.32 22.59
CA ALA A 354 -28.89 -2.29 21.66
C ALA A 354 -30.12 -2.92 22.30
N VAL A 355 -29.89 -3.90 23.19
CA VAL A 355 -30.96 -4.76 23.70
C VAL A 355 -31.41 -4.23 25.05
N VAL A 356 -30.48 -3.98 25.96
CA VAL A 356 -30.80 -3.48 27.29
C VAL A 356 -31.28 -2.02 27.28
N ASN A 357 -30.58 -1.15 26.53
CA ASN A 357 -30.73 0.30 26.58
C ASN A 357 -31.10 0.88 25.21
N GLU A 358 -31.52 0.03 24.27
CA GLU A 358 -32.20 0.52 23.08
C GLU A 358 -31.41 1.61 22.34
N ILE A 359 -30.08 1.56 22.44
CA ILE A 359 -29.19 2.40 21.64
C ILE A 359 -28.97 1.79 20.27
N LYS A 360 -29.37 2.54 19.22
CA LYS A 360 -28.99 2.29 17.83
C LYS A 360 -27.56 1.78 17.85
N PRO A 361 -27.32 0.54 17.35
CA PRO A 361 -25.97 0.04 17.11
C PRO A 361 -25.42 0.61 15.79
N LEU A 362 -24.12 0.92 15.76
CA LEU A 362 -23.50 1.44 14.56
C LEU A 362 -23.46 0.36 13.48
N HIS A 363 -22.91 -0.79 13.86
CA HIS A 363 -22.71 -1.87 12.93
C HIS A 363 -23.99 -2.61 12.64
N ASP A 364 -25.03 -1.88 12.21
CA ASP A 364 -26.32 -2.52 12.06
C ASP A 364 -26.44 -3.18 10.69
N GLY A 365 -27.65 -3.65 10.38
CA GLY A 365 -27.85 -4.37 9.14
C GLY A 365 -27.76 -3.44 7.94
N VAL A 366 -27.98 -2.16 8.16
CA VAL A 366 -27.94 -1.21 7.06
C VAL A 366 -26.49 -0.87 6.71
N TRP A 367 -25.64 -0.84 7.74
CA TRP A 367 -24.23 -0.65 7.56
C TRP A 367 -23.65 -1.85 6.81
N ALA A 368 -23.83 -3.03 7.42
CA ALA A 368 -23.24 -4.22 6.85
C ALA A 368 -23.64 -4.33 5.37
N ARG A 369 -24.84 -3.86 5.02
CA ARG A 369 -25.33 -4.01 3.67
C ARG A 369 -24.50 -3.18 2.71
N ALA A 370 -24.10 -1.99 3.17
CA ALA A 370 -23.30 -1.10 2.35
C ALA A 370 -21.90 -1.68 2.10
N THR A 371 -21.21 -2.18 3.15
CA THR A 371 -19.97 -2.90 2.96
C THR A 371 -20.12 -4.00 1.91
N LEU A 372 -21.20 -4.78 1.98
CA LEU A 372 -21.38 -5.86 1.05
C LEU A 372 -21.49 -5.29 -0.36
N GLU A 373 -22.21 -4.16 -0.45
CA GLU A 373 -22.38 -3.45 -1.70
C GLU A 373 -21.00 -3.14 -2.29
N VAL A 374 -20.09 -2.67 -1.43
CA VAL A 374 -18.74 -2.40 -1.89
C VAL A 374 -18.06 -3.69 -2.31
N CYS A 375 -18.32 -4.77 -1.57
CA CYS A 375 -17.62 -6.00 -1.87
C CYS A 375 -18.03 -6.50 -3.25
N LEU A 376 -19.31 -6.34 -3.56
CA LEU A 376 -19.81 -6.78 -4.85
C LEU A 376 -19.19 -5.93 -5.94
N ALA A 377 -19.09 -4.61 -5.69
CA ALA A 377 -18.59 -3.64 -6.65
C ALA A 377 -17.17 -4.00 -7.06
N LEU A 378 -16.35 -4.36 -6.07
CA LEU A 378 -15.01 -4.85 -6.30
C LEU A 378 -15.01 -5.98 -7.30
N LEU A 379 -15.67 -7.10 -6.92
CA LEU A 379 -15.70 -8.28 -7.76
C LEU A 379 -16.29 -7.98 -9.12
N ASP A 380 -17.12 -6.96 -9.23
CA ASP A 380 -17.57 -6.58 -10.56
C ASP A 380 -16.50 -5.85 -11.34
N SER A 381 -15.77 -4.95 -10.67
CA SER A 381 -14.70 -4.22 -11.32
C SER A 381 -13.63 -5.19 -11.83
N ALA A 382 -13.11 -6.03 -10.93
CA ALA A 382 -12.13 -7.03 -11.32
C ALA A 382 -12.73 -7.96 -12.39
N GLY A 383 -14.02 -8.26 -12.28
CA GLY A 383 -14.70 -9.18 -13.18
C GLY A 383 -14.75 -8.62 -14.59
N SER A 384 -15.05 -7.33 -14.72
CA SER A 384 -15.28 -6.75 -16.04
C SER A 384 -14.13 -5.87 -16.47
N GLY A 385 -13.23 -5.54 -15.54
CA GLY A 385 -12.21 -4.55 -15.82
C GLY A 385 -12.70 -3.12 -16.08
N LYS A 386 -13.94 -2.77 -15.68
CA LYS A 386 -14.43 -1.40 -15.70
C LYS A 386 -14.67 -0.90 -14.27
N ASP A 387 -14.90 0.41 -14.08
CA ASP A 387 -15.18 0.97 -12.76
C ASP A 387 -16.60 0.61 -12.36
N VAL A 388 -16.96 0.89 -11.11
CA VAL A 388 -18.32 0.68 -10.65
C VAL A 388 -18.71 1.88 -9.82
N GLU A 389 -19.62 2.71 -10.35
CA GLU A 389 -20.16 3.79 -9.55
C GLU A 389 -21.17 3.17 -8.60
N LEU A 390 -21.40 3.81 -7.44
CA LEU A 390 -22.32 3.32 -6.42
C LEU A 390 -23.42 4.34 -6.18
N PRO A 391 -24.72 3.92 -6.15
CA PRO A 391 -25.86 4.85 -6.11
C PRO A 391 -25.93 5.67 -4.81
N GLY B 4 39.53 7.55 -20.76
CA GLY B 4 40.70 6.67 -20.44
C GLY B 4 40.24 5.54 -19.51
N HIS B 5 41.22 4.93 -18.80
CA HIS B 5 41.04 4.16 -17.58
C HIS B 5 40.09 4.92 -16.65
N GLN B 6 40.30 6.24 -16.63
CA GLN B 6 39.54 7.23 -15.89
C GLN B 6 38.80 8.13 -16.87
N LEU B 7 37.79 8.82 -16.36
CA LEU B 7 36.74 9.25 -17.26
C LEU B 7 36.53 10.73 -17.00
N ARG B 8 36.81 11.52 -18.03
CA ARG B 8 36.88 12.97 -17.88
C ARG B 8 35.47 13.50 -18.05
N LEU B 9 34.91 13.95 -16.93
CA LEU B 9 33.48 14.23 -16.89
C LEU B 9 33.25 15.71 -16.61
N GLY B 10 32.34 16.29 -17.41
CA GLY B 10 31.89 17.66 -17.26
C GLY B 10 30.45 17.76 -16.76
N VAL B 11 30.20 18.72 -15.84
CA VAL B 11 28.94 18.83 -15.15
C VAL B 11 28.21 20.07 -15.61
N ALA B 12 26.96 19.95 -16.06
CA ALA B 12 26.19 21.11 -16.47
C ALA B 12 25.05 21.33 -15.49
N GLY B 13 25.21 22.29 -14.57
CA GLY B 13 24.18 22.62 -13.60
C GLY B 13 24.62 22.24 -12.19
N LEU B 14 24.92 23.24 -11.38
CA LEU B 14 25.68 22.97 -10.17
C LEU B 14 24.84 23.18 -8.90
N GLY B 15 23.58 22.72 -8.90
CA GLY B 15 22.71 22.79 -7.73
C GLY B 15 22.53 21.49 -6.95
N ARG B 16 21.26 21.17 -6.60
CA ARG B 16 20.93 20.12 -5.65
C ARG B 16 21.24 18.73 -6.24
N ALA B 17 20.83 18.52 -7.49
CA ALA B 17 21.06 17.22 -8.10
C ALA B 17 22.56 16.95 -8.07
N PHE B 18 23.30 18.03 -8.38
CA PHE B 18 24.74 17.96 -8.42
C PHE B 18 25.29 17.62 -7.04
N THR B 19 24.82 18.33 -6.01
CA THR B 19 25.41 18.09 -4.69
C THR B 19 25.06 16.71 -4.17
N LEU B 20 23.90 16.20 -4.60
CA LEU B 20 23.50 14.89 -4.15
C LEU B 20 24.41 13.87 -4.80
N MET B 21 24.80 14.16 -6.05
CA MET B 21 25.60 13.25 -6.85
C MET B 21 27.08 13.39 -6.51
N LEU B 22 27.44 14.47 -5.83
CA LEU B 22 28.81 14.92 -5.67
C LEU B 22 29.71 13.89 -4.96
N PRO B 23 29.32 13.23 -3.86
CA PRO B 23 30.28 12.37 -3.17
C PRO B 23 30.54 11.07 -3.93
N THR B 24 29.64 10.71 -4.87
CA THR B 24 29.86 9.62 -5.80
C THR B 24 31.03 9.99 -6.70
N LEU B 25 30.93 11.19 -7.29
CA LEU B 25 31.86 11.62 -8.30
C LEU B 25 33.27 11.66 -7.71
N GLN B 26 33.40 12.21 -6.50
CA GLN B 26 34.71 12.23 -5.91
C GLN B 26 35.17 10.81 -5.69
N GLN B 27 34.35 10.06 -4.95
CA GLN B 27 34.86 8.83 -4.39
C GLN B 27 35.21 7.78 -5.46
N ASP B 28 34.48 7.77 -6.60
CA ASP B 28 34.63 6.75 -7.63
C ASP B 28 35.93 6.95 -8.40
N PRO B 29 36.87 5.99 -8.35
CA PRO B 29 38.17 6.12 -8.99
C PRO B 29 38.04 6.32 -10.50
N ARG B 30 36.91 5.90 -11.08
CA ARG B 30 36.81 5.92 -12.53
C ARG B 30 36.37 7.29 -13.03
N ILE B 31 36.12 8.24 -12.12
CA ILE B 31 35.59 9.52 -12.52
C ILE B 31 36.54 10.60 -12.06
N LYS B 32 36.94 11.46 -13.01
CA LYS B 32 37.53 12.78 -12.78
C LYS B 32 36.57 13.88 -13.26
N LEU B 33 36.34 14.86 -12.37
CA LEU B 33 35.61 16.07 -12.75
C LEU B 33 36.63 17.04 -13.34
N VAL B 34 36.35 17.56 -14.53
CA VAL B 34 37.37 18.27 -15.28
C VAL B 34 36.91 19.67 -15.65
N ALA B 35 35.59 19.92 -15.59
CA ALA B 35 34.91 21.09 -16.14
C ALA B 35 33.48 21.19 -15.61
N ALA B 36 32.92 22.40 -15.62
CA ALA B 36 31.53 22.60 -15.23
C ALA B 36 30.94 23.80 -15.98
N CYS B 37 29.61 23.82 -16.08
CA CYS B 37 28.95 25.07 -16.45
C CYS B 37 27.70 25.30 -15.59
N ASP B 38 27.39 26.59 -15.43
CA ASP B 38 26.26 27.12 -14.68
C ASP B 38 26.07 28.56 -15.14
N PRO B 39 24.83 29.09 -15.17
CA PRO B 39 24.63 30.51 -15.42
C PRO B 39 25.07 31.41 -14.27
N ARG B 40 24.91 30.93 -13.03
CA ARG B 40 25.25 31.64 -11.81
C ARG B 40 26.77 31.61 -11.62
N GLY B 41 27.41 32.78 -11.57
CA GLY B 41 28.86 32.84 -11.44
C GLY B 41 29.36 32.44 -10.05
N SER B 42 28.51 32.53 -9.03
CA SER B 42 28.99 32.22 -7.70
C SER B 42 29.14 30.72 -7.58
N ALA B 43 28.41 30.00 -8.42
CA ALA B 43 28.50 28.56 -8.57
C ALA B 43 29.78 28.19 -9.31
N ARG B 44 29.98 28.88 -10.44
CA ARG B 44 31.21 28.84 -11.23
C ARG B 44 32.43 29.14 -10.36
N ALA B 45 32.41 30.28 -9.66
CA ALA B 45 33.43 30.58 -8.66
C ALA B 45 33.61 29.38 -7.73
N GLN B 46 32.48 28.83 -7.28
CA GLN B 46 32.59 27.76 -6.31
C GLN B 46 33.38 26.60 -6.92
N PHE B 47 32.89 26.12 -8.08
CA PHE B 47 33.35 24.86 -8.67
C PHE B 47 34.82 24.98 -9.06
N ALA B 48 35.14 26.07 -9.75
CA ALA B 48 36.49 26.32 -10.20
C ALA B 48 37.48 26.24 -9.05
N SER B 49 37.07 26.65 -7.85
CA SER B 49 38.00 26.74 -6.74
C SER B 49 38.29 25.34 -6.18
N ASP B 50 37.23 24.56 -5.95
CA ASP B 50 37.37 23.31 -5.23
C ASP B 50 38.06 22.28 -6.11
N PHE B 51 37.94 22.49 -7.42
CA PHE B 51 38.29 21.49 -8.41
C PHE B 51 39.37 21.99 -9.35
N ARG B 52 39.87 23.21 -9.10
CA ARG B 52 40.81 23.88 -9.97
C ARG B 52 40.49 23.48 -11.41
N ALA B 53 39.41 23.98 -12.02
CA ALA B 53 38.97 23.45 -13.32
C ALA B 53 38.26 24.52 -14.16
N PRO B 54 38.25 24.51 -15.54
CA PRO B 54 37.56 25.55 -16.33
C PRO B 54 36.05 25.54 -16.12
N VAL B 55 35.42 26.72 -15.98
CA VAL B 55 33.97 26.77 -15.79
C VAL B 55 33.41 27.68 -16.89
N TYR B 56 32.09 27.64 -17.12
CA TYR B 56 31.53 28.37 -18.25
C TYR B 56 30.09 28.86 -17.98
N PRO B 57 29.64 29.98 -18.60
CA PRO B 57 28.23 30.32 -18.68
C PRO B 57 27.35 29.19 -19.23
N ASP B 58 27.41 28.93 -20.52
CA ASP B 58 26.49 27.95 -21.11
C ASP B 58 27.15 26.60 -21.29
N ILE B 59 26.31 25.62 -21.64
CA ILE B 59 26.73 24.28 -22.07
C ILE B 59 27.50 24.38 -23.38
N GLU B 60 27.31 25.51 -24.08
CA GLU B 60 28.07 25.79 -25.28
C GLU B 60 29.57 25.78 -24.96
N GLY B 61 29.91 26.32 -23.79
CA GLY B 61 31.28 26.33 -23.32
C GLY B 61 31.81 24.95 -23.02
N LEU B 62 31.11 24.21 -22.16
CA LEU B 62 31.51 22.92 -21.63
C LEU B 62 31.67 21.91 -22.76
N ALA B 63 30.76 21.96 -23.74
CA ALA B 63 30.75 21.03 -24.86
C ALA B 63 31.86 21.37 -25.86
N SER B 64 32.37 22.60 -25.80
CA SER B 64 33.42 22.96 -26.72
C SER B 64 34.78 22.55 -26.17
N ASN B 65 34.83 22.20 -24.89
CA ASN B 65 36.08 21.81 -24.27
C ASN B 65 36.43 20.40 -24.75
N PRO B 66 37.59 20.24 -25.43
CA PRO B 66 37.99 18.96 -26.04
C PRO B 66 38.32 17.85 -25.04
N ASP B 67 38.55 18.25 -23.79
CA ASP B 67 39.04 17.36 -22.76
C ASP B 67 37.88 16.63 -22.05
N VAL B 68 36.64 17.01 -22.37
CA VAL B 68 35.48 16.46 -21.71
C VAL B 68 34.96 15.29 -22.55
N GLU B 69 34.81 14.12 -21.89
CA GLU B 69 34.38 12.87 -22.50
C GLU B 69 32.87 12.72 -22.43
N ALA B 70 32.25 13.05 -21.28
CA ALA B 70 30.80 13.04 -21.17
C ALA B 70 30.35 14.12 -20.19
N ILE B 71 29.11 14.58 -20.40
CA ILE B 71 28.49 15.60 -19.56
C ILE B 71 27.30 15.05 -18.76
N TYR B 72 27.43 15.11 -17.43
CA TYR B 72 26.31 14.92 -16.51
C TYR B 72 25.47 16.19 -16.49
N ILE B 73 24.34 16.17 -17.18
CA ILE B 73 23.41 17.29 -17.23
C ILE B 73 22.52 17.25 -15.97
N ALA B 74 22.78 18.19 -15.05
CA ALA B 74 22.15 18.25 -13.73
C ALA B 74 21.50 19.61 -13.46
N SER B 75 20.81 20.12 -14.48
CA SER B 75 20.16 21.40 -14.46
C SER B 75 18.66 21.16 -14.41
N PRO B 76 17.82 22.22 -14.33
CA PRO B 76 16.37 22.10 -14.44
C PRO B 76 15.92 21.43 -15.72
N HIS B 77 14.76 20.78 -15.60
CA HIS B 77 14.13 19.90 -16.57
C HIS B 77 13.95 20.59 -17.92
N GLN B 78 13.68 21.89 -17.94
CA GLN B 78 13.26 22.49 -19.20
C GLN B 78 14.48 22.68 -20.10
N PHE B 79 15.68 22.62 -19.53
CA PHE B 79 16.91 22.82 -20.30
C PHE B 79 17.44 21.48 -20.81
N HIS B 80 16.93 20.38 -20.23
CA HIS B 80 17.47 19.05 -20.45
C HIS B 80 17.63 18.79 -21.95
N ALA B 81 16.53 18.92 -22.70
CA ALA B 81 16.56 18.54 -24.09
C ALA B 81 17.62 19.33 -24.84
N GLN B 82 17.52 20.64 -24.77
CA GLN B 82 18.42 21.48 -25.55
C GLN B 82 19.87 21.13 -25.22
N GLN B 83 20.20 21.15 -23.92
CA GLN B 83 21.54 20.87 -23.43
C GLN B 83 22.10 19.59 -24.08
N ALA B 84 21.31 18.52 -24.09
CA ALA B 84 21.73 17.26 -24.68
C ALA B 84 22.01 17.41 -26.19
N ARG B 85 21.09 18.01 -26.93
CA ARG B 85 21.21 18.17 -28.37
C ARG B 85 22.59 18.72 -28.70
N ILE B 86 23.05 19.64 -27.85
CA ILE B 86 24.34 20.30 -28.02
C ILE B 86 25.46 19.32 -27.64
N ALA B 87 25.42 18.77 -26.41
CA ALA B 87 26.47 17.89 -25.96
C ALA B 87 26.70 16.81 -27.02
N ALA B 88 25.59 16.32 -27.58
CA ALA B 88 25.65 15.38 -28.68
C ALA B 88 26.37 15.98 -29.89
N ARG B 89 25.94 17.16 -30.35
CA ARG B 89 26.53 17.86 -31.48
C ARG B 89 28.05 17.84 -31.36
N HIS B 90 28.57 17.93 -30.13
CA HIS B 90 29.99 18.05 -29.92
C HIS B 90 30.63 16.73 -29.55
N GLY B 91 29.85 15.66 -29.65
CA GLY B 91 30.34 14.31 -29.43
C GLY B 91 30.51 13.92 -27.95
N LYS B 92 29.66 14.44 -27.06
CA LYS B 92 29.80 14.14 -25.65
C LYS B 92 28.70 13.15 -25.23
N HIS B 93 29.08 12.19 -24.38
CA HIS B 93 28.08 11.32 -23.77
C HIS B 93 27.33 12.13 -22.73
N VAL B 94 26.08 11.74 -22.50
CA VAL B 94 25.11 12.47 -21.72
C VAL B 94 24.62 11.51 -20.65
N LEU B 95 24.67 11.96 -19.41
CA LEU B 95 23.91 11.39 -18.32
C LEU B 95 23.02 12.50 -17.75
N VAL B 96 21.71 12.42 -18.03
CA VAL B 96 20.79 13.49 -17.64
C VAL B 96 19.91 13.00 -16.49
N GLU B 97 19.47 13.88 -15.58
CA GLU B 97 18.76 13.55 -14.34
C GLU B 97 17.25 13.41 -14.54
N LYS B 98 16.59 12.63 -13.67
CA LYS B 98 15.15 12.49 -13.77
C LYS B 98 14.53 13.85 -13.48
N PRO B 99 13.48 14.24 -14.24
CA PRO B 99 13.09 13.49 -15.43
C PRO B 99 13.97 13.92 -16.61
N MET B 100 14.30 12.94 -17.44
CA MET B 100 14.84 13.14 -18.77
C MET B 100 14.36 14.48 -19.31
N ALA B 101 13.07 14.55 -19.60
CA ALA B 101 12.47 15.75 -20.17
C ALA B 101 11.03 15.81 -19.67
N LEU B 102 10.32 16.85 -20.11
CA LEU B 102 9.00 17.15 -19.60
C LEU B 102 7.97 16.61 -20.60
N SER B 103 8.39 16.41 -21.86
CA SER B 103 7.54 16.08 -23.00
C SER B 103 8.03 14.78 -23.64
N LEU B 104 7.19 14.15 -24.47
CA LEU B 104 7.64 12.95 -25.15
C LEU B 104 8.42 13.30 -26.42
N GLY B 105 7.97 14.34 -27.12
CA GLY B 105 8.69 14.91 -28.25
C GLY B 105 10.15 15.17 -27.89
N ASP B 106 10.36 16.01 -26.87
CA ASP B 106 11.65 16.28 -26.25
C ASP B 106 12.49 15.00 -26.17
N CYS B 107 11.85 13.94 -25.68
CA CYS B 107 12.52 12.66 -25.50
C CYS B 107 12.94 12.10 -26.84
N ASP B 108 11.98 12.02 -27.77
CA ASP B 108 12.26 11.52 -29.11
C ASP B 108 13.48 12.23 -29.67
N GLU B 109 13.44 13.56 -29.66
CA GLU B 109 14.56 14.33 -30.16
C GLU B 109 15.84 13.94 -29.42
N MET B 110 15.82 14.00 -28.09
CA MET B 110 16.99 13.64 -27.30
C MET B 110 17.58 12.29 -27.73
N ILE B 111 16.72 11.28 -27.93
CA ILE B 111 17.25 9.97 -28.29
C ILE B 111 17.82 10.04 -29.70
N GLN B 112 17.21 10.84 -30.58
CA GLN B 112 17.66 10.92 -31.95
C GLN B 112 18.96 11.70 -32.03
N HIS B 113 18.97 12.92 -31.48
CA HIS B 113 20.18 13.69 -31.45
C HIS B 113 21.33 12.81 -30.94
N CYS B 114 21.06 11.89 -30.03
CA CYS B 114 22.15 11.10 -29.47
C CYS B 114 22.55 9.95 -30.37
N ARG B 115 21.58 9.39 -31.10
CA ARG B 115 21.77 8.23 -31.95
C ARG B 115 22.57 8.68 -33.18
N ASP B 116 22.24 9.86 -33.69
CA ASP B 116 22.95 10.44 -34.80
C ASP B 116 24.41 10.66 -34.42
N ALA B 117 24.66 11.41 -33.35
CA ALA B 117 26.03 11.71 -32.98
C ALA B 117 26.75 10.44 -32.53
N GLY B 118 26.01 9.34 -32.48
CA GLY B 118 26.51 8.03 -32.03
C GLY B 118 27.17 8.10 -30.66
N VAL B 119 26.42 8.61 -29.66
CA VAL B 119 26.88 8.75 -28.29
C VAL B 119 25.82 8.17 -27.37
N HIS B 120 26.28 7.72 -26.20
CA HIS B 120 25.46 7.10 -25.17
C HIS B 120 24.62 8.13 -24.42
N LEU B 121 23.41 7.72 -24.03
CA LEU B 121 22.47 8.57 -23.34
C LEU B 121 21.92 7.78 -22.17
N ILE B 122 22.25 8.19 -20.94
CA ILE B 122 21.78 7.49 -19.75
C ILE B 122 21.02 8.46 -18.83
N VAL B 123 20.01 7.98 -18.07
CA VAL B 123 19.26 8.86 -17.18
C VAL B 123 19.75 8.79 -15.72
N GLY B 124 20.09 9.98 -15.15
CA GLY B 124 20.78 10.25 -13.88
C GLY B 124 20.20 9.48 -12.71
N HIS B 125 20.91 9.48 -11.57
CA HIS B 125 20.55 8.58 -10.49
C HIS B 125 19.04 8.36 -10.44
N CYS B 126 18.62 7.21 -10.96
CA CYS B 126 17.26 6.79 -10.72
C CYS B 126 17.40 5.74 -9.64
N HIS B 127 16.40 5.61 -8.79
CA HIS B 127 16.48 4.69 -7.66
C HIS B 127 16.44 3.25 -8.14
N SER B 128 15.98 3.04 -9.37
CA SER B 128 16.05 1.74 -10.04
C SER B 128 17.50 1.32 -10.26
N PHE B 129 18.44 2.19 -9.92
CA PHE B 129 19.82 1.79 -9.97
C PHE B 129 20.22 1.08 -8.69
N ASP B 130 19.46 1.24 -7.61
CA ASP B 130 20.01 0.86 -6.32
C ASP B 130 20.15 -0.65 -6.21
N THR B 131 21.25 -1.08 -5.57
CA THR B 131 21.65 -2.47 -5.47
C THR B 131 20.48 -3.34 -5.03
N PRO B 132 19.75 -3.02 -3.93
CA PRO B 132 18.74 -3.92 -3.41
C PRO B 132 17.72 -4.24 -4.50
N TYR B 133 17.39 -3.24 -5.34
CA TYR B 133 16.39 -3.47 -6.36
C TYR B 133 16.95 -4.32 -7.49
N LEU B 134 18.21 -4.04 -7.87
CA LEU B 134 18.89 -4.76 -8.93
C LEU B 134 19.07 -6.20 -8.45
N SER B 135 19.42 -6.33 -7.17
CA SER B 135 19.54 -7.64 -6.59
C SER B 135 18.19 -8.37 -6.64
N ALA B 136 17.09 -7.65 -6.37
CA ALA B 136 15.76 -8.24 -6.43
C ALA B 136 15.42 -8.68 -7.85
N ARG B 137 15.78 -7.87 -8.84
CA ARG B 137 15.43 -8.22 -10.20
C ARG B 137 16.19 -9.49 -10.59
N GLU B 138 17.39 -9.67 -10.03
CA GLU B 138 18.18 -10.86 -10.28
C GLU B 138 17.36 -12.07 -9.83
N ILE B 139 16.78 -11.99 -8.64
CA ILE B 139 15.97 -13.06 -8.12
C ILE B 139 14.80 -13.32 -9.05
N VAL B 140 14.17 -12.24 -9.54
CA VAL B 140 13.08 -12.44 -10.48
C VAL B 140 13.61 -13.05 -11.78
N GLN B 141 14.80 -12.60 -12.23
CA GLN B 141 15.43 -13.10 -13.44
C GLN B 141 15.64 -14.61 -13.29
N SER B 142 16.14 -15.01 -12.12
CA SER B 142 16.57 -16.39 -11.99
C SER B 142 15.38 -17.33 -12.17
N GLY B 143 14.15 -16.83 -12.01
CA GLY B 143 12.96 -17.67 -12.16
C GLY B 143 12.72 -18.57 -10.95
N GLU B 144 13.57 -18.34 -9.94
CA GLU B 144 13.56 -19.09 -8.71
C GLU B 144 12.19 -19.04 -8.05
N LEU B 145 11.53 -17.87 -8.10
CA LEU B 145 10.24 -17.77 -7.44
C LEU B 145 9.09 -17.77 -8.44
N GLY B 146 9.37 -18.16 -9.68
CA GLY B 146 8.39 -18.04 -10.75
C GLY B 146 8.22 -16.57 -11.10
N PRO B 147 7.24 -16.21 -11.96
CA PRO B 147 7.05 -14.82 -12.36
C PRO B 147 6.32 -13.92 -11.36
N VAL B 148 6.50 -12.61 -11.55
CA VAL B 148 5.92 -11.57 -10.72
C VAL B 148 4.43 -11.49 -11.03
N ARG B 149 3.62 -11.39 -9.97
CA ARG B 149 2.18 -11.36 -10.11
C ARG B 149 1.59 -10.02 -9.65
N MET B 150 2.12 -9.50 -8.54
CA MET B 150 1.59 -8.29 -7.96
C MET B 150 2.73 -7.54 -7.27
N VAL B 151 2.81 -6.23 -7.54
CA VAL B 151 3.75 -5.38 -6.82
C VAL B 151 2.95 -4.35 -6.03
N HIS B 152 3.38 -4.15 -4.78
CA HIS B 152 2.81 -3.15 -3.91
C HIS B 152 3.94 -2.28 -3.34
N ALA B 153 3.87 -0.97 -3.61
CA ALA B 153 4.93 -0.04 -3.24
C ALA B 153 4.33 1.23 -2.66
N LEU B 154 4.85 1.63 -1.48
CA LEU B 154 4.42 2.90 -0.91
C LEU B 154 5.64 3.73 -0.51
N ASN B 155 5.41 5.03 -0.36
CA ASN B 155 6.42 5.93 0.15
C ASN B 155 5.71 7.14 0.77
N TYR B 156 6.06 7.42 2.02
CA TYR B 156 5.52 8.54 2.76
C TYR B 156 6.70 9.36 3.25
N THR B 157 6.82 10.59 2.76
CA THR B 157 8.04 11.37 2.97
C THR B 157 7.74 12.82 3.33
N ASP B 158 8.79 13.58 3.64
CA ASP B 158 8.67 14.98 3.95
C ASP B 158 9.00 15.82 2.73
N PHE B 159 9.09 15.20 1.54
CA PHE B 159 9.51 15.86 0.32
C PHE B 159 8.87 17.22 0.06
N LEU B 160 7.54 17.29 0.20
CA LEU B 160 6.77 18.50 -0.08
C LEU B 160 7.19 19.68 0.80
N TYR B 161 7.87 19.41 1.93
CA TYR B 161 8.30 20.49 2.80
C TYR B 161 9.82 20.46 2.99
N ARG B 162 10.56 19.88 2.03
CA ARG B 162 12.01 19.84 2.13
C ARG B 162 12.58 21.19 1.69
N PRO B 163 13.33 21.94 2.56
CA PRO B 163 13.70 23.36 2.36
C PRO B 163 14.20 23.97 1.04
N GLY B 174 3.95 21.83 -13.04
CA GLY B 174 2.65 21.70 -12.37
C GLY B 174 2.50 20.40 -11.57
N GLY B 175 3.27 19.35 -11.91
CA GLY B 175 3.14 18.01 -11.35
C GLY B 175 3.93 17.79 -10.05
N GLY B 176 5.21 18.22 -10.01
CA GLY B 176 6.03 18.14 -8.81
C GLY B 176 6.38 16.71 -8.40
N VAL B 177 5.53 16.09 -7.56
CA VAL B 177 5.77 14.76 -7.00
C VAL B 177 5.61 13.69 -8.08
N VAL B 178 4.71 13.93 -9.05
CA VAL B 178 4.48 12.95 -10.10
C VAL B 178 5.74 12.79 -10.96
N PHE B 179 6.44 13.89 -11.22
CA PHE B 179 7.46 13.84 -12.24
C PHE B 179 8.79 13.51 -11.61
N SER B 180 8.96 13.94 -10.37
CA SER B 180 10.20 13.68 -9.68
C SER B 180 10.07 12.34 -8.96
N GLN B 181 8.94 12.10 -8.30
CA GLN B 181 8.89 11.06 -7.28
C GLN B 181 8.19 9.83 -7.82
N ALA B 182 7.17 10.02 -8.67
CA ALA B 182 6.46 8.89 -9.25
C ALA B 182 7.39 8.21 -10.24
N ALA B 183 8.26 9.00 -10.87
CA ALA B 183 9.30 8.46 -11.71
C ALA B 183 10.10 7.40 -10.95
N HIS B 184 10.74 7.72 -9.82
CA HIS B 184 11.53 6.70 -9.17
C HIS B 184 10.71 5.44 -8.96
N GLN B 185 9.45 5.65 -8.56
CA GLN B 185 8.59 4.56 -8.12
C GLN B 185 8.23 3.73 -9.33
N VAL B 186 7.83 4.37 -10.42
CA VAL B 186 7.46 3.64 -11.61
C VAL B 186 8.65 2.87 -12.18
N ASP B 187 9.81 3.53 -12.16
CA ASP B 187 11.03 2.94 -12.68
C ASP B 187 11.38 1.67 -11.90
N ILE B 188 11.14 1.66 -10.59
CA ILE B 188 11.47 0.46 -9.84
C ILE B 188 10.49 -0.65 -10.24
N VAL B 189 9.24 -0.28 -10.39
CA VAL B 189 8.26 -1.30 -10.70
C VAL B 189 8.44 -1.74 -12.15
N ARG B 190 8.72 -0.83 -13.07
CA ARG B 190 9.07 -1.27 -14.41
C ARG B 190 10.25 -2.25 -14.31
N LEU B 191 11.25 -1.86 -13.49
CA LEU B 191 12.44 -2.69 -13.38
C LEU B 191 12.05 -4.10 -12.98
N LEU B 192 11.19 -4.22 -11.95
CA LEU B 192 11.05 -5.49 -11.25
C LEU B 192 10.05 -6.41 -11.93
N VAL B 193 8.90 -5.88 -12.33
CA VAL B 193 7.98 -6.68 -13.13
C VAL B 193 8.72 -7.11 -14.39
N GLY B 194 9.27 -6.15 -15.11
CA GLY B 194 10.01 -6.53 -16.29
C GLY B 194 9.15 -6.70 -17.54
N THR B 195 7.85 -6.39 -17.54
CA THR B 195 7.13 -6.44 -18.81
C THR B 195 6.59 -5.06 -19.13
N ARG B 196 5.71 -4.91 -20.14
CA ARG B 196 5.25 -3.56 -20.44
C ARG B 196 4.02 -3.13 -19.63
N VAL B 197 3.97 -1.84 -19.23
CA VAL B 197 2.79 -1.20 -18.65
C VAL B 197 1.75 -0.97 -19.74
N ARG B 198 0.48 -1.32 -19.45
CA ARG B 198 -0.51 -1.39 -20.51
C ARG B 198 -1.71 -0.49 -20.22
N ARG B 199 -1.95 -0.21 -18.93
CA ARG B 199 -3.07 0.61 -18.49
C ARG B 199 -2.72 1.19 -17.13
N VAL B 200 -3.25 2.38 -16.85
CA VAL B 200 -2.95 3.09 -15.63
C VAL B 200 -4.21 3.77 -15.13
N ARG B 201 -4.41 3.79 -13.80
CA ARG B 201 -5.53 4.50 -13.22
C ARG B 201 -5.08 5.10 -11.89
N ALA B 202 -5.32 6.39 -11.74
CA ALA B 202 -4.66 7.15 -10.67
C ALA B 202 -5.62 8.18 -10.10
N ILE B 203 -5.34 8.50 -8.82
CA ILE B 203 -5.95 9.57 -8.06
C ILE B 203 -4.80 10.36 -7.44
N THR B 204 -4.81 11.68 -7.65
CA THR B 204 -3.89 12.55 -6.92
C THR B 204 -4.62 13.29 -5.81
N GLY B 205 -3.91 13.60 -4.72
CA GLY B 205 -4.49 14.47 -3.73
C GLY B 205 -3.81 15.82 -3.77
N ASP B 206 -4.55 16.89 -3.53
CA ASP B 206 -3.92 18.20 -3.34
C ASP B 206 -4.69 18.94 -2.24
N TRP B 207 -4.14 19.04 -1.03
CA TRP B 207 -5.00 19.47 0.07
C TRP B 207 -4.32 20.48 0.97
N ASP B 208 -3.12 20.92 0.63
CA ASP B 208 -2.53 22.06 1.32
C ASP B 208 -2.56 23.30 0.43
N PRO B 209 -3.48 24.25 0.71
CA PRO B 209 -3.51 25.58 0.05
C PRO B 209 -2.15 26.24 -0.15
N MET B 210 -1.38 26.24 0.94
CA MET B 210 -0.03 26.74 1.07
C MET B 210 0.81 26.27 -0.11
N ARG B 211 0.93 24.94 -0.29
CA ARG B 211 1.76 24.30 -1.30
C ARG B 211 0.84 23.64 -2.32
N PRO B 212 0.17 24.43 -3.21
CA PRO B 212 -0.93 23.92 -4.00
C PRO B 212 -0.38 23.14 -5.19
N THR B 213 0.18 21.97 -4.90
CA THR B 213 0.56 20.98 -5.90
C THR B 213 -0.05 19.62 -5.54
N GLN B 214 -0.02 18.68 -6.49
CA GLN B 214 -0.39 17.31 -6.22
C GLN B 214 0.65 16.71 -5.29
N GLY B 215 0.28 16.45 -4.03
CA GLY B 215 1.25 16.04 -3.03
C GLY B 215 1.18 14.54 -2.70
N ALA B 216 0.13 13.87 -3.18
CA ALA B 216 0.02 12.45 -2.96
C ALA B 216 -0.76 11.84 -4.11
N TYR B 217 -0.57 10.53 -4.28
CA TYR B 217 -1.35 9.78 -5.25
C TYR B 217 -1.40 8.33 -4.82
N SER B 218 -2.36 7.62 -5.42
CA SER B 218 -2.43 6.17 -5.46
C SER B 218 -2.77 5.77 -6.89
N ALA B 219 -2.13 4.68 -7.35
CA ALA B 219 -2.33 4.22 -8.72
C ALA B 219 -2.35 2.70 -8.83
N LEU B 220 -3.08 2.23 -9.86
CA LEU B 220 -3.14 0.85 -10.33
C LEU B 220 -2.44 0.78 -11.68
N LEU B 221 -1.54 -0.19 -11.89
CA LEU B 221 -0.89 -0.43 -13.17
C LEU B 221 -1.16 -1.86 -13.65
N TRP B 222 -1.56 -1.99 -14.90
CA TRP B 222 -1.74 -3.29 -15.50
C TRP B 222 -0.49 -3.59 -16.29
N PHE B 223 0.06 -4.80 -16.13
CA PHE B 223 1.24 -5.16 -16.91
C PHE B 223 0.96 -6.29 -17.90
N GLU B 224 1.75 -6.28 -18.98
CA GLU B 224 1.76 -7.33 -19.98
C GLU B 224 1.99 -8.67 -19.29
N GLY B 225 1.13 -9.62 -19.64
CA GLY B 225 1.19 -10.99 -19.16
C GLY B 225 0.67 -11.14 -17.74
N GLY B 226 -0.27 -10.27 -17.30
CA GLY B 226 -1.08 -10.56 -16.11
C GLY B 226 -0.75 -9.79 -14.83
N ALA B 227 0.52 -9.56 -14.52
CA ALA B 227 0.89 -8.90 -13.26
C ALA B 227 0.23 -7.53 -13.14
N PHE B 228 0.03 -7.06 -11.90
CA PHE B 228 -0.51 -5.73 -11.68
C PHE B 228 0.22 -5.15 -10.47
N ALA B 229 0.10 -3.82 -10.30
CA ALA B 229 0.86 -3.13 -9.26
C ALA B 229 0.05 -1.98 -8.69
N SER B 230 0.25 -1.72 -7.41
CA SER B 230 -0.32 -0.57 -6.72
C SER B 230 0.79 0.31 -6.15
N ILE B 231 0.77 1.58 -6.53
CA ILE B 231 1.75 2.56 -6.05
C ILE B 231 1.02 3.71 -5.35
N SER B 232 1.55 4.07 -4.17
CA SER B 232 1.00 5.13 -3.35
C SER B 232 2.16 6.00 -2.88
N TYR B 233 1.99 7.32 -3.09
CA TYR B 233 2.98 8.29 -2.63
C TYR B 233 2.27 9.35 -1.82
N ASN B 234 2.92 9.75 -0.73
CA ASN B 234 2.42 10.86 0.09
C ASN B 234 3.62 11.66 0.52
N GLY B 235 3.57 12.97 0.26
CA GLY B 235 4.73 13.83 0.47
C GLY B 235 4.59 14.86 1.59
N TYR B 236 3.44 14.87 2.29
CA TYR B 236 3.04 15.93 3.20
C TYR B 236 3.79 15.86 4.53
N GLY B 237 4.80 15.00 4.55
CA GLY B 237 5.78 14.90 5.62
C GLY B 237 5.26 14.61 7.03
N HIS B 238 4.18 13.81 7.19
CA HIS B 238 3.69 13.45 8.52
C HIS B 238 4.24 12.10 8.96
N PHE B 239 3.61 11.04 8.46
CA PHE B 239 4.16 9.71 8.64
C PHE B 239 5.41 9.56 7.76
N ASP B 240 6.39 8.83 8.31
CA ASP B 240 7.66 8.56 7.63
C ASP B 240 7.83 7.05 7.40
N SER B 241 7.72 6.65 6.14
CA SER B 241 7.66 5.25 5.76
C SER B 241 9.01 4.56 5.94
N ASP B 242 10.06 5.31 6.28
CA ASP B 242 11.39 4.75 6.47
C ASP B 242 11.43 3.86 7.71
N GLU B 243 10.37 3.94 8.51
CA GLU B 243 10.21 3.14 9.70
C GLU B 243 10.20 1.67 9.28
N TRP B 244 9.64 1.41 8.09
CA TRP B 244 9.51 0.05 7.61
C TRP B 244 10.63 -0.32 6.64
N CYS B 245 11.74 0.44 6.65
CA CYS B 245 12.91 0.12 5.86
C CYS B 245 14.14 0.04 6.77
N ASP B 246 13.92 -0.47 7.99
CA ASP B 246 14.99 -0.67 8.94
C ASP B 246 15.56 0.67 9.38
N TRP B 247 14.70 1.70 9.37
CA TRP B 247 15.06 3.03 9.81
C TRP B 247 16.33 3.52 9.10
N ILE B 248 16.39 3.29 7.78
CA ILE B 248 17.46 3.82 6.97
C ILE B 248 16.85 4.78 5.96
N GLY B 249 17.37 6.01 5.91
CA GLY B 249 16.93 7.06 5.01
C GLY B 249 17.17 6.72 3.54
N GLU B 250 16.53 7.52 2.67
CA GLU B 250 16.52 7.37 1.23
C GLU B 250 17.94 7.31 0.67
N MET B 251 18.88 8.08 1.25
CA MET B 251 20.26 8.17 0.79
C MET B 251 21.16 7.33 1.72
N GLY B 252 20.58 6.30 2.33
CA GLY B 252 21.38 5.24 2.93
C GLY B 252 21.78 5.48 4.37
N GLY B 253 21.55 6.71 4.85
CA GLY B 253 21.89 7.05 6.22
C GLY B 253 20.87 6.49 7.21
N ASP B 254 21.34 6.24 8.44
CA ASP B 254 20.50 5.73 9.52
C ASP B 254 19.62 6.84 10.10
N LYS B 255 18.32 6.56 10.28
CA LYS B 255 17.47 7.54 10.92
C LYS B 255 17.03 6.99 12.26
N SER B 256 17.59 5.84 12.63
CA SER B 256 17.09 5.11 13.78
C SER B 256 17.09 6.07 14.97
N PRO B 257 15.95 6.21 15.73
CA PRO B 257 16.00 6.86 17.05
C PRO B 257 16.98 6.13 17.99
N GLN B 298 30.78 7.56 8.14
CA GLN B 298 29.67 6.78 8.76
C GLN B 298 29.16 5.78 7.73
N PRO B 299 29.59 4.49 7.76
CA PRO B 299 29.37 3.57 6.63
C PRO B 299 27.91 3.56 6.16
N ILE B 300 27.54 4.33 5.12
CA ILE B 300 26.13 4.37 4.77
C ILE B 300 25.63 2.98 4.34
N TRP B 301 24.35 2.91 3.97
CA TRP B 301 23.75 1.71 3.40
C TRP B 301 23.28 2.04 1.99
N HIS B 302 22.53 1.12 1.37
CA HIS B 302 22.11 1.36 0.00
C HIS B 302 21.00 2.40 -0.02
N GLN B 303 20.70 2.94 -1.20
CA GLN B 303 19.59 3.86 -1.34
C GLN B 303 18.30 3.08 -1.56
N HIS B 304 17.15 3.71 -1.23
CA HIS B 304 15.85 3.12 -1.53
C HIS B 304 14.79 4.17 -1.79
N PHE B 305 13.58 3.71 -2.04
CA PHE B 305 12.43 4.57 -2.24
C PHE B 305 11.20 4.00 -1.52
N GLY B 306 11.46 3.57 -0.28
CA GLY B 306 10.40 3.15 0.61
C GLY B 306 10.08 1.66 0.48
N PRO B 307 9.02 1.18 1.20
CA PRO B 307 8.60 -0.22 1.17
C PRO B 307 8.03 -0.70 -0.16
N ILE B 308 8.70 -1.72 -0.71
CA ILE B 308 8.22 -2.47 -1.85
C ILE B 308 8.12 -3.94 -1.47
N VAL B 309 7.02 -4.56 -1.94
CA VAL B 309 6.80 -5.99 -1.83
C VAL B 309 6.50 -6.52 -3.22
N VAL B 310 7.31 -7.50 -3.62
CA VAL B 310 7.11 -8.19 -4.87
C VAL B 310 6.57 -9.59 -4.57
N SER B 311 5.38 -9.86 -5.12
CA SER B 311 4.75 -11.17 -5.03
C SER B 311 4.95 -11.92 -6.34
N CYS B 312 5.67 -13.05 -6.23
CA CYS B 312 5.81 -14.03 -7.31
C CYS B 312 5.06 -15.31 -6.93
N GLU B 313 4.83 -16.19 -7.94
CA GLU B 313 4.04 -17.39 -7.76
C GLU B 313 4.48 -18.15 -6.51
N ARG B 314 5.78 -18.32 -6.31
CA ARG B 314 6.22 -19.17 -5.23
C ARG B 314 6.74 -18.36 -4.04
N GLY B 315 6.48 -17.04 -4.02
CA GLY B 315 7.10 -16.28 -2.96
C GLY B 315 7.11 -14.76 -3.13
N ASP B 316 7.46 -14.09 -2.03
CA ASP B 316 7.46 -12.63 -1.91
C ASP B 316 8.91 -12.18 -1.70
N ILE B 317 9.30 -11.14 -2.47
CA ILE B 317 10.60 -10.51 -2.35
C ILE B 317 10.37 -9.13 -1.78
N ARG B 318 11.14 -8.79 -0.75
CA ARG B 318 11.05 -7.47 -0.16
C ARG B 318 12.45 -6.84 -0.03
N PRO B 319 12.88 -6.01 -1.03
CA PRO B 319 14.23 -5.42 -1.00
C PRO B 319 14.41 -4.40 0.12
N LEU B 320 15.55 -4.43 0.79
CA LEU B 320 15.80 -3.45 1.83
C LEU B 320 17.13 -2.75 1.57
N PRO B 321 17.40 -1.59 2.20
CA PRO B 321 18.69 -0.94 2.06
C PRO B 321 19.86 -1.73 2.60
N ASP B 322 19.58 -2.73 3.45
CA ASP B 322 20.65 -3.49 4.08
C ASP B 322 20.53 -4.99 3.75
N SER B 323 19.51 -5.39 2.99
CA SER B 323 19.35 -6.79 2.64
C SER B 323 18.21 -6.95 1.65
N VAL B 324 17.99 -8.19 1.23
CA VAL B 324 16.78 -8.54 0.51
C VAL B 324 16.15 -9.73 1.22
N CYS B 325 14.91 -9.51 1.66
CA CYS B 325 14.18 -10.56 2.32
C CYS B 325 13.36 -11.33 1.30
N VAL B 326 13.48 -12.66 1.39
CA VAL B 326 12.71 -13.57 0.56
C VAL B 326 11.84 -14.43 1.48
N TYR B 327 10.53 -14.29 1.28
CA TYR B 327 9.52 -15.06 1.99
C TYR B 327 9.03 -16.14 1.03
N ALA B 328 9.26 -17.39 1.44
CA ALA B 328 9.29 -18.51 0.52
C ALA B 328 8.42 -19.66 1.00
N ASP B 329 8.61 -20.78 0.31
CA ASP B 329 7.90 -22.01 0.64
C ASP B 329 8.56 -22.72 1.82
N LEU B 330 9.91 -22.70 1.93
CA LEU B 330 10.66 -22.91 3.18
C LEU B 330 10.12 -21.93 4.24
N ALA B 331 10.63 -20.69 4.25
CA ALA B 331 10.11 -19.60 5.09
C ALA B 331 10.85 -18.31 4.74
N LYS B 332 11.32 -17.58 5.77
CA LYS B 332 11.94 -16.26 5.75
C LYS B 332 13.40 -16.42 5.33
N GLU B 333 13.86 -15.55 4.43
CA GLU B 333 15.27 -15.50 4.13
C GLU B 333 15.66 -14.04 4.05
N ARG B 334 16.65 -13.67 4.86
CA ARG B 334 17.36 -12.41 4.71
C ARG B 334 18.70 -12.73 4.05
N ARG B 335 18.81 -12.46 2.74
CA ARG B 335 20.11 -12.53 2.10
C ARG B 335 20.76 -11.16 2.18
N SER B 336 21.83 -11.01 2.97
CA SER B 336 22.27 -9.64 3.22
C SER B 336 23.13 -9.13 2.06
N LEU B 337 23.39 -7.81 2.07
CA LEU B 337 24.09 -7.12 1.01
C LEU B 337 25.35 -6.50 1.59
N GLN B 338 26.35 -6.24 0.73
CA GLN B 338 27.51 -5.49 1.17
C GLN B 338 27.22 -4.00 1.21
N ARG B 339 27.67 -3.37 2.30
CA ARG B 339 27.70 -1.92 2.46
C ARG B 339 28.36 -1.34 1.21
N PRO B 340 27.63 -0.52 0.41
CA PRO B 340 28.20 0.08 -0.80
C PRO B 340 29.46 0.86 -0.42
N VAL B 341 30.55 0.58 -1.13
CA VAL B 341 31.83 1.23 -0.86
C VAL B 341 31.73 2.69 -1.28
N VAL B 342 31.18 2.93 -2.48
CA VAL B 342 30.90 4.23 -3.09
C VAL B 342 29.38 4.40 -3.26
N PRO B 343 28.75 5.44 -2.67
CA PRO B 343 27.31 5.68 -2.87
C PRO B 343 26.95 5.78 -4.35
N ARG B 344 25.86 5.13 -4.79
CA ARG B 344 25.34 5.27 -6.15
C ARG B 344 26.34 4.92 -7.27
N PHE B 345 27.32 4.05 -6.94
CA PHE B 345 28.34 3.52 -7.85
C PHE B 345 27.72 2.77 -9.04
N GLU B 346 26.45 2.38 -8.94
CA GLU B 346 25.77 1.56 -9.95
C GLU B 346 25.47 2.45 -11.14
N VAL B 347 25.37 3.75 -10.87
CA VAL B 347 25.13 4.75 -11.91
C VAL B 347 26.42 4.89 -12.73
N ILE B 348 27.55 4.94 -12.04
CA ILE B 348 28.84 5.09 -12.69
C ILE B 348 29.10 3.87 -13.57
N ASP B 349 28.92 2.65 -13.02
CA ASP B 349 29.13 1.42 -13.78
C ASP B 349 28.38 1.50 -15.08
N GLU B 350 27.13 1.98 -15.01
CA GLU B 350 26.35 2.03 -16.23
C GLU B 350 27.09 2.90 -17.25
N LEU B 351 27.47 4.08 -16.79
CA LEU B 351 28.10 5.08 -17.64
C LEU B 351 29.45 4.56 -18.10
N TYR B 352 30.28 4.14 -17.12
CA TYR B 352 31.62 3.67 -17.37
C TYR B 352 31.66 2.61 -18.46
N HIS B 353 30.79 1.58 -18.32
CA HIS B 353 30.76 0.44 -19.21
C HIS B 353 30.09 0.79 -20.53
N ALA B 354 29.35 1.90 -20.57
CA ALA B 354 28.75 2.27 -21.82
C ALA B 354 29.78 2.97 -22.70
N VAL B 355 30.75 3.65 -22.05
CA VAL B 355 31.65 4.54 -22.77
C VAL B 355 32.96 3.83 -23.02
N VAL B 356 33.52 3.17 -22.00
CA VAL B 356 34.79 2.47 -22.15
C VAL B 356 34.65 1.17 -22.94
N ASN B 357 33.59 0.40 -22.67
CA ASN B 357 33.39 -0.95 -23.16
C ASN B 357 32.08 -1.11 -23.95
N GLU B 358 31.46 0.00 -24.34
CA GLU B 358 30.42 -0.04 -25.35
C GLU B 358 29.29 -1.00 -25.03
N ILE B 359 29.07 -1.28 -23.75
CA ILE B 359 27.95 -2.10 -23.28
C ILE B 359 26.69 -1.26 -23.13
N LYS B 360 25.65 -1.60 -23.92
CA LYS B 360 24.29 -1.11 -23.78
C LYS B 360 24.03 -0.90 -22.30
N PRO B 361 23.76 0.36 -21.87
CA PRO B 361 23.26 0.61 -20.52
C PRO B 361 21.74 0.32 -20.48
N LEU B 362 21.27 -0.21 -19.35
CA LEU B 362 19.87 -0.51 -19.16
C LEU B 362 19.05 0.77 -19.13
N HIS B 363 19.45 1.69 -18.25
CA HIS B 363 18.73 2.92 -18.03
C HIS B 363 19.01 3.91 -19.14
N ASP B 364 18.73 3.51 -20.38
CA ASP B 364 19.06 4.38 -21.48
C ASP B 364 17.92 5.36 -21.76
N GLY B 365 18.04 6.06 -22.88
CA GLY B 365 17.06 7.09 -23.18
C GLY B 365 15.72 6.51 -23.55
N VAL B 366 15.74 5.27 -24.01
CA VAL B 366 14.52 4.63 -24.47
C VAL B 366 13.72 4.13 -23.25
N TRP B 367 14.45 3.70 -22.22
CA TRP B 367 13.87 3.28 -20.97
C TRP B 367 13.21 4.49 -20.31
N ALA B 368 14.04 5.49 -20.05
CA ALA B 368 13.56 6.65 -19.35
C ALA B 368 12.30 7.18 -20.02
N ARG B 369 12.22 7.08 -21.35
CA ARG B 369 11.11 7.64 -22.07
C ARG B 369 9.81 6.93 -21.72
N ALA B 370 9.89 5.61 -21.55
CA ALA B 370 8.73 4.82 -21.17
C ALA B 370 8.23 5.18 -19.76
N THR B 371 9.13 5.25 -18.76
CA THR B 371 8.77 5.76 -17.45
C THR B 371 8.04 7.09 -17.55
N LEU B 372 8.56 8.01 -18.35
CA LEU B 372 7.94 9.31 -18.46
C LEU B 372 6.53 9.16 -19.02
N GLU B 373 6.40 8.25 -19.99
CA GLU B 373 5.14 7.90 -20.61
C GLU B 373 4.16 7.52 -19.51
N VAL B 374 4.63 6.68 -18.58
CA VAL B 374 3.78 6.28 -17.47
C VAL B 374 3.43 7.50 -16.62
N CYS B 375 4.40 8.39 -16.43
CA CYS B 375 4.15 9.52 -15.55
C CYS B 375 3.05 10.40 -16.12
N LEU B 376 3.08 10.54 -17.44
CA LEU B 376 2.11 11.38 -18.09
C LEU B 376 0.74 10.73 -17.98
N ALA B 377 0.70 9.40 -18.16
CA ALA B 377 -0.54 8.63 -18.17
C ALA B 377 -1.25 8.79 -16.83
N LEU B 378 -0.49 8.73 -15.73
CA LEU B 378 -0.98 8.99 -14.39
C LEU B 378 -1.71 10.32 -14.34
N LEU B 379 -0.97 11.40 -14.60
CA LEU B 379 -1.52 12.75 -14.52
C LEU B 379 -2.68 12.90 -15.47
N ASP B 380 -2.75 12.11 -16.55
CA ASP B 380 -3.94 12.15 -17.38
C ASP B 380 -5.11 11.43 -16.74
N SER B 381 -4.85 10.28 -16.09
CA SER B 381 -5.91 9.53 -15.42
C SER B 381 -6.51 10.38 -14.30
N ALA B 382 -5.65 10.87 -13.40
CA ALA B 382 -6.10 11.73 -12.32
C ALA B 382 -6.75 12.98 -12.90
N GLY B 383 -6.22 13.50 -14.02
CA GLY B 383 -6.67 14.73 -14.64
C GLY B 383 -8.10 14.58 -15.16
N SER B 384 -8.35 13.49 -15.87
CA SER B 384 -9.68 13.21 -16.38
C SER B 384 -10.33 12.24 -15.41
N GLY B 385 -11.44 11.62 -15.82
CA GLY B 385 -11.97 10.62 -14.92
C GLY B 385 -11.47 9.21 -15.20
N LYS B 386 -10.60 9.04 -16.20
CA LYS B 386 -10.63 7.82 -16.99
C LYS B 386 -9.31 7.05 -16.85
N ASP B 387 -9.28 5.80 -17.34
CA ASP B 387 -8.05 5.01 -17.44
C ASP B 387 -7.21 5.58 -18.57
N VAL B 388 -5.97 5.08 -18.70
CA VAL B 388 -5.15 5.42 -19.85
C VAL B 388 -4.50 4.14 -20.34
N GLU B 389 -4.90 3.66 -21.50
CA GLU B 389 -4.21 2.52 -22.09
C GLU B 389 -2.91 3.05 -22.69
N LEU B 390 -1.89 2.19 -22.78
CA LEU B 390 -0.58 2.57 -23.31
C LEU B 390 -0.25 1.71 -24.52
N PRO B 391 0.06 2.36 -25.68
CA PRO B 391 -0.10 1.73 -26.98
C PRO B 391 1.12 0.82 -27.23
C1 GOL C . -29.03 -32.98 21.00
O1 GOL C . -30.39 -33.11 20.59
C2 GOL C . -28.27 -34.29 20.88
O2 GOL C . -28.32 -34.82 19.55
C3 GOL C . -26.84 -34.19 21.38
O3 GOL C . -26.74 -34.60 22.74
C1 GOL D . -30.55 -2.35 13.70
O1 GOL D . -31.15 -2.10 14.96
C2 GOL D . -31.44 -3.05 12.67
O2 GOL D . -32.76 -2.47 12.58
C3 GOL D . -30.84 -3.20 11.27
O3 GOL D . -30.44 -1.97 10.66
PA NAD E . -17.55 -23.62 10.32
O1A NAD E . -17.98 -23.65 8.89
O2A NAD E . -16.77 -24.82 10.75
O5B NAD E . -18.84 -23.45 11.28
C5B NAD E . -20.20 -23.24 10.79
C4B NAD E . -21.03 -24.43 11.23
O4B NAD E . -22.40 -24.01 11.43
C3B NAD E . -21.16 -25.58 10.24
O3B NAD E . -20.13 -26.54 10.43
C2B NAD E . -22.54 -26.17 10.53
O2B NAD E . -22.39 -27.37 11.25
C1B NAD E . -23.18 -25.17 11.49
N9A NAD E . -24.56 -24.81 11.20
C8A NAD E . -25.45 -24.20 12.05
N7A NAD E . -26.64 -24.01 11.52
C5A NAD E . -26.52 -24.55 10.25
C6A NAD E . -27.44 -24.66 9.19
N6A NAD E . -28.70 -24.24 9.28
N1A NAD E . -27.02 -25.27 8.06
C2A NAD E . -25.75 -25.70 7.99
N3A NAD E . -24.79 -25.64 8.90
C4A NAD E . -25.24 -25.05 10.03
O3 NAD E . -16.86 -22.21 10.72
PN NAD E . -16.99 -20.77 10.01
O1N NAD E . -17.63 -21.06 8.70
O2N NAD E . -15.65 -20.08 9.98
O5D NAD E . -18.04 -19.91 10.83
C5D NAD E . -19.23 -19.61 10.00
C4D NAD E . -19.22 -18.22 9.40
O4D NAD E . -18.44 -17.29 10.19
C3D NAD E . -18.66 -18.03 7.97
O3D NAD E . -19.59 -18.39 6.95
C2D NAD E . -18.37 -16.52 7.94
O2D NAD E . -19.59 -15.87 7.60
C1D NAD E . -18.03 -16.18 9.39
N1N NAD E . -16.58 -15.87 9.69
C2N NAD E . -16.20 -14.65 10.25
C3N NAD E . -15.20 -14.67 11.26
C7N NAD E . -14.88 -13.46 12.12
O7N NAD E . -14.46 -13.63 13.27
N7N NAD E . -15.02 -12.25 11.63
C4N NAD E . -14.48 -15.86 11.45
C5N NAD E . -14.62 -16.89 10.54
C6N NAD E . -15.64 -16.84 9.60
C1 GOL F . 20.00 5.80 -25.62
O1 GOL F . 18.85 5.03 -25.99
C2 GOL F . 21.26 5.25 -26.25
O2 GOL F . 21.70 6.16 -27.26
C3 GOL F . 22.36 4.93 -25.23
O3 GOL F . 22.76 3.57 -25.20
PA NAD G . 18.98 23.27 -8.27
O1A NAD G . 17.78 23.87 -8.94
O2A NAD G . 19.43 24.04 -7.06
O5B NAD G . 20.17 23.10 -9.35
C5B NAD G . 20.11 23.23 -10.82
C4B NAD G . 20.98 24.40 -11.25
O4B NAD G . 21.48 24.22 -12.60
C3B NAD G . 20.25 25.76 -11.34
O3B NAD G . 20.33 26.47 -10.11
C2B NAD G . 20.96 26.51 -12.47
O2B NAD G . 21.75 27.52 -11.91
C1B NAD G . 21.90 25.47 -13.06
N9A NAD G . 21.96 25.46 -14.52
C8A NAD G . 22.90 24.84 -15.30
N7A NAD G . 22.71 25.00 -16.59
C5A NAD G . 21.58 25.78 -16.67
C6A NAD G . 20.86 26.29 -17.78
N6A NAD G . 21.20 26.11 -19.04
N1A NAD G . 19.77 27.06 -17.50
C2A NAD G . 19.43 27.26 -16.22
N3A NAD G . 20.01 26.82 -15.11
C4A NAD G . 21.09 26.08 -15.41
O3 NAD G . 18.89 21.71 -7.91
PN NAD G . 17.96 20.56 -8.56
O1N NAD G . 17.01 21.36 -9.39
O2N NAD G . 17.38 19.68 -7.49
O5D NAD G . 18.85 19.69 -9.57
C5D NAD G . 18.48 19.79 -10.99
C4D NAD G . 17.62 18.64 -11.49
O4D NAD G . 18.01 17.39 -10.89
C3D NAD G . 16.12 18.70 -11.22
O3D NAD G . 15.49 19.55 -12.18
C2D NAD G . 15.70 17.24 -11.41
O2D NAD G . 15.48 16.94 -12.77
C1D NAD G . 16.91 16.46 -10.92
N1N NAD G . 16.78 15.85 -9.56
C2N NAD G . 17.00 14.50 -9.38
C3N NAD G . 17.68 14.08 -8.21
C7N NAD G . 18.16 12.65 -8.03
O7N NAD G . 19.02 12.39 -7.18
N7N NAD G . 17.60 11.69 -8.76
C4N NAD G . 17.89 15.03 -7.21
C5N NAD G . 17.18 16.22 -7.27
C6N NAD G . 16.62 16.61 -8.46
#